data_7F83
#
_entry.id   7F83
#
_cell.length_a   84.710
_cell.length_b   58.680
_cell.length_c   119.240
_cell.angle_alpha   90.00
_cell.angle_beta   90.60
_cell.angle_gamma   90.00
#
_symmetry.space_group_name_H-M   'P 1 21 1'
#
loop_
_entity.id
_entity.type
_entity.pdbx_description
1 polymer 'Growth hormone secretagogue receptor type 1,Soluble cytochrome b562'
2 non-polymer '(2R)-2,3-dihydroxypropyl (9Z)-octadec-9-enoate'
3 non-polymer 2-(2-methylimidazo[2,1-b][1,3]thiazol-6-yl)-1-[2-[(1R)-5-(6-methylpyrimidin-4-yl)-2,3-dihydro-1H-inden-1-yl]-2,7-diazaspiro[3.5]nonan-7-yl]ethanone
#
_entity_poly.entity_id   1
_entity_poly.type   'polypeptide(L)'
_entity_poly.pdbx_seq_one_letter_code
;LQLFPAPLLAGVTATCVALFVVGIAGNLLTMLVVSRFRELRTTTNLYLSSMAFSDLLIFLCMPLDLVRLWQYRPWNFGDL
LCKLFQFVSESCTYAKVLTITALSVERYFAICFPLRAKVVVTKGRVKLVIFVIWAVAFCSAGPIFVLVGVEHEQGTDPWD
TNECRPTEFAVRSGLLTVMVWVSSIFFFLPVFCLTVLYSLIGRKLWRRRGGTTMADLEDNWETLNDNLKVIEKADNAAQV
KDALTKMRAAALDAQKATPPKLEDKSPDSPEMKDFRHGFDILVGQIDDALKLANEGKVKEAQAAAEQLKTTRNAYIQKYL
LRDQNHKQTVKMLAVVVFAFILCWLPFHVGRYLFSKSFEPGSLEIAQISQYCNLVSFVLFYLSAAINPILYNIMSKKYRV
AVFRLLGFEPENLYFQ
;
_entity_poly.pdbx_strand_id   A,B
#
# COMPACT_ATOMS: atom_id res chain seq x y z
N LEU A 1 13.06 -23.66 1.99
CA LEU A 1 13.60 -22.43 2.58
C LEU A 1 12.46 -21.53 3.04
N GLN A 2 11.73 -20.94 2.10
CA GLN A 2 10.52 -20.22 2.45
C GLN A 2 9.39 -21.22 2.68
N LEU A 3 8.70 -21.07 3.80
CA LEU A 3 7.75 -22.06 4.27
C LEU A 3 6.33 -21.52 4.29
N PHE A 4 6.05 -20.47 3.51
CA PHE A 4 4.72 -19.93 3.35
C PHE A 4 4.49 -19.64 1.87
N PRO A 5 3.23 -19.50 1.44
CA PRO A 5 2.97 -19.31 0.01
C PRO A 5 3.48 -17.97 -0.49
N ALA A 6 3.90 -17.97 -1.75
CA ALA A 6 4.23 -16.71 -2.41
C ALA A 6 3.10 -15.69 -2.38
N PRO A 7 1.82 -16.04 -2.62
CA PRO A 7 0.77 -15.01 -2.51
C PRO A 7 0.74 -14.30 -1.17
N LEU A 8 0.99 -15.00 -0.07
CA LEU A 8 1.11 -14.35 1.23
C LEU A 8 2.23 -13.32 1.22
N LEU A 9 3.40 -13.70 0.69
CA LEU A 9 4.54 -12.80 0.73
C LEU A 9 4.32 -11.57 -0.14
N ALA A 10 3.71 -11.77 -1.32
CA ALA A 10 3.37 -10.64 -2.17
C ALA A 10 2.36 -9.74 -1.49
N GLY A 11 1.38 -10.32 -0.79
CA GLY A 11 0.38 -9.52 -0.10
C GLY A 11 0.98 -8.74 1.06
N VAL A 12 1.89 -9.36 1.79
CA VAL A 12 2.62 -8.66 2.83
C VAL A 12 3.42 -7.51 2.22
N THR A 13 4.08 -7.77 1.09
CA THR A 13 4.85 -6.72 0.43
C THR A 13 3.97 -5.54 0.03
N ALA A 14 2.81 -5.83 -0.55
CA ALA A 14 1.91 -4.75 -0.93
C ALA A 14 1.42 -3.99 0.29
N THR A 15 1.06 -4.72 1.36
CA THR A 15 0.64 -4.07 2.60
C THR A 15 1.74 -3.15 3.11
N CYS A 16 2.99 -3.59 2.99
CA CYS A 16 4.09 -2.77 3.45
C CYS A 16 4.28 -1.54 2.59
N VAL A 17 4.03 -1.65 1.29
CA VAL A 17 4.07 -0.45 0.43
C VAL A 17 2.98 0.52 0.83
N ALA A 18 1.82 0.00 1.21
CA ALA A 18 0.75 0.87 1.70
C ALA A 18 1.19 1.60 2.97
N LEU A 19 1.75 0.85 3.92
CA LEU A 19 2.28 1.47 5.14
C LEU A 19 3.41 2.44 4.82
N PHE A 20 4.16 2.19 3.75
CA PHE A 20 5.19 3.12 3.29
C PHE A 20 4.57 4.46 2.90
N VAL A 21 3.55 4.40 2.05
CA VAL A 21 2.86 5.63 1.65
C VAL A 21 2.31 6.34 2.88
N VAL A 22 1.51 5.63 3.67
CA VAL A 22 0.81 6.26 4.78
C VAL A 22 1.80 6.80 5.82
N GLY A 23 2.89 6.06 6.06
CA GLY A 23 3.83 6.47 7.09
C GLY A 23 4.68 7.65 6.67
N ILE A 24 5.18 7.63 5.42
CA ILE A 24 5.88 8.81 4.91
C ILE A 24 4.97 10.02 5.01
N ALA A 25 3.75 9.90 4.48
CA ALA A 25 2.82 11.02 4.48
C ALA A 25 2.56 11.52 5.89
N GLY A 26 2.16 10.62 6.78
CA GLY A 26 1.79 11.03 8.12
C GLY A 26 2.91 11.67 8.90
N ASN A 27 4.12 11.10 8.83
CA ASN A 27 5.20 11.66 9.62
C ASN A 27 5.69 12.99 9.04
N LEU A 28 5.77 13.09 7.71
CA LEU A 28 5.98 14.37 7.08
C LEU A 28 4.98 15.40 7.59
N LEU A 29 3.70 15.03 7.58
CA LEU A 29 2.66 15.94 8.05
C LEU A 29 2.89 16.33 9.50
N THR A 30 3.31 15.40 10.34
CA THR A 30 3.57 15.74 11.73
C THR A 30 4.66 16.79 11.84
N MET A 31 5.77 16.60 11.12
CA MET A 31 6.87 17.55 11.21
C MET A 31 6.45 18.91 10.66
N LEU A 32 5.72 18.92 9.55
CA LEU A 32 5.25 20.19 8.98
C LEU A 32 4.32 20.90 9.95
N VAL A 33 3.34 20.17 10.48
CA VAL A 33 2.36 20.72 11.40
C VAL A 33 3.03 21.34 12.62
N VAL A 34 4.01 20.66 13.20
CA VAL A 34 4.69 21.27 14.33
C VAL A 34 5.49 22.49 13.88
N SER A 35 6.10 22.43 12.69
CA SER A 35 7.02 23.49 12.31
C SER A 35 6.28 24.77 11.94
N ARG A 36 5.04 24.66 11.46
CA ARG A 36 4.30 25.83 11.00
C ARG A 36 3.30 26.35 12.01
N PHE A 37 2.56 25.48 12.69
CA PHE A 37 1.57 25.89 13.68
C PHE A 37 2.26 26.12 15.01
N ARG A 38 2.34 27.39 15.45
CA ARG A 38 3.13 27.74 16.63
C ARG A 38 2.45 27.38 17.94
N GLU A 39 1.13 27.42 17.99
CA GLU A 39 0.34 26.92 19.11
C GLU A 39 0.29 25.37 19.13
N LEU A 40 1.07 24.69 18.28
CA LEU A 40 1.36 23.26 18.40
C LEU A 40 2.82 22.96 18.70
N ARG A 41 3.65 23.98 18.93
CA ARG A 41 5.08 23.81 19.18
C ARG A 41 5.37 23.65 20.68
N THR A 42 4.78 22.62 21.28
CA THR A 42 5.05 22.35 22.68
C THR A 42 6.40 21.67 22.83
N THR A 43 6.78 21.37 24.06
CA THR A 43 7.91 20.48 24.28
C THR A 43 7.60 19.08 23.76
N THR A 44 6.49 18.49 24.24
CA THR A 44 6.19 17.12 23.88
C THR A 44 5.90 16.97 22.39
N ASN A 45 5.34 18.00 21.76
CA ASN A 45 5.16 17.93 20.31
C ASN A 45 6.50 17.93 19.60
N LEU A 46 7.46 18.72 20.07
CA LEU A 46 8.79 18.69 19.47
C LEU A 46 9.40 17.30 19.59
N TYR A 47 9.21 16.66 20.73
CA TYR A 47 9.67 15.27 20.88
C TYR A 47 8.97 14.35 19.89
N LEU A 48 7.64 14.49 19.75
CA LEU A 48 6.91 13.64 18.81
C LEU A 48 7.41 13.85 17.39
N SER A 49 7.82 15.09 17.07
CA SER A 49 8.36 15.43 15.77
C SER A 49 9.72 14.77 15.54
N SER A 50 10.57 14.79 16.57
CA SER A 50 11.78 13.96 16.53
C SER A 50 11.43 12.52 16.15
N MET A 51 10.38 11.99 16.77
CA MET A 51 9.99 10.61 16.50
C MET A 51 9.57 10.45 15.06
N ALA A 52 8.81 11.41 14.55
CA ALA A 52 8.39 11.37 13.15
C ALA A 52 9.60 11.29 12.24
N PHE A 53 10.67 12.00 12.60
CA PHE A 53 11.90 11.87 11.82
C PHE A 53 12.40 10.44 11.83
N SER A 54 12.51 9.84 13.02
CA SER A 54 13.04 8.47 13.08
C SER A 54 12.17 7.52 12.25
N ASP A 55 10.87 7.77 12.21
CA ASP A 55 9.97 6.91 11.43
C ASP A 55 10.20 7.07 9.93
N LEU A 56 10.39 8.31 9.47
CA LEU A 56 10.76 8.51 8.07
C LEU A 56 12.03 7.74 7.73
N LEU A 57 13.06 7.91 8.56
CA LEU A 57 14.31 7.17 8.38
C LEU A 57 14.04 5.67 8.29
N ILE A 58 13.13 5.16 9.11
CA ILE A 58 12.79 3.74 9.05
C ILE A 58 12.17 3.40 7.70
N PHE A 59 11.31 4.26 7.19
CA PHE A 59 10.62 3.91 5.94
C PHE A 59 11.56 3.91 4.75
N LEU A 60 12.63 4.70 4.79
CA LEU A 60 13.63 4.60 3.71
C LEU A 60 14.31 3.24 3.68
N CYS A 61 14.43 2.57 4.82
CA CYS A 61 15.00 1.24 4.82
C CYS A 61 14.07 0.20 4.22
N MET A 62 12.77 0.49 4.12
CA MET A 62 11.84 -0.56 3.73
C MET A 62 12.10 -1.11 2.34
N PRO A 63 12.47 -0.31 1.33
CA PRO A 63 12.78 -0.92 0.03
C PRO A 63 13.85 -2.01 0.10
N LEU A 64 15.03 -1.72 0.67
CA LEU A 64 16.03 -2.78 0.79
C LEU A 64 15.57 -3.90 1.70
N ASP A 65 14.77 -3.56 2.71
CA ASP A 65 14.29 -4.60 3.61
C ASP A 65 13.40 -5.58 2.85
N LEU A 66 12.55 -5.09 1.96
CA LEU A 66 11.71 -5.96 1.13
C LEU A 66 12.55 -6.77 0.16
N VAL A 67 13.59 -6.17 -0.41
CA VAL A 67 14.48 -6.94 -1.28
C VAL A 67 15.06 -8.12 -0.51
N ARG A 68 15.59 -7.87 0.69
CA ARG A 68 16.15 -8.94 1.51
C ARG A 68 15.09 -9.98 1.88
N LEU A 69 13.87 -9.53 2.17
CA LEU A 69 12.78 -10.45 2.47
C LEU A 69 12.48 -11.38 1.29
N TRP A 70 12.65 -10.90 0.07
CA TRP A 70 12.45 -11.80 -1.05
C TRP A 70 13.68 -12.62 -1.38
N GLN A 71 14.75 -12.49 -0.58
CA GLN A 71 16.00 -13.22 -0.80
C GLN A 71 16.53 -12.96 -2.20
N TYR A 72 16.56 -11.69 -2.57
CA TYR A 72 17.21 -11.23 -3.78
C TYR A 72 18.57 -10.68 -3.38
N ARG A 73 19.64 -11.21 -3.98
CA ARG A 73 20.99 -10.67 -3.81
C ARG A 73 21.38 -9.89 -5.06
N PRO A 74 20.88 -8.66 -5.23
CA PRO A 74 21.24 -7.89 -6.42
C PRO A 74 22.69 -7.44 -6.42
N TRP A 75 23.37 -7.53 -5.29
CA TRP A 75 24.72 -7.02 -5.18
C TRP A 75 25.51 -7.96 -4.29
N ASN A 76 26.82 -7.79 -4.26
CA ASN A 76 27.69 -8.63 -3.45
C ASN A 76 28.06 -7.99 -2.12
N PHE A 77 27.78 -6.70 -1.93
CA PHE A 77 27.93 -6.04 -0.65
C PHE A 77 26.71 -6.18 0.27
N GLY A 78 25.93 -7.26 0.11
CA GLY A 78 24.88 -7.55 1.07
C GLY A 78 25.36 -7.51 2.51
N ASP A 79 26.45 -8.23 2.80
CA ASP A 79 27.04 -8.20 4.15
C ASP A 79 27.15 -6.77 4.67
N LEU A 80 27.74 -5.88 3.87
CA LEU A 80 27.87 -4.50 4.31
C LEU A 80 26.50 -3.87 4.45
N LEU A 81 25.66 -4.02 3.42
CA LEU A 81 24.28 -3.52 3.48
C LEU A 81 23.61 -3.96 4.75
N CYS A 82 23.97 -5.14 5.25
CA CYS A 82 23.34 -5.62 6.46
C CYS A 82 23.89 -4.90 7.69
N LYS A 83 25.21 -4.86 7.82
CA LYS A 83 25.80 -4.18 8.96
C LYS A 83 25.30 -2.75 9.03
N LEU A 84 25.26 -2.07 7.89
CA LEU A 84 24.78 -0.69 7.89
C LEU A 84 23.31 -0.62 8.27
N PHE A 85 22.45 -1.24 7.47
CA PHE A 85 21.03 -0.94 7.61
C PHE A 85 20.45 -1.51 8.91
N GLN A 86 20.85 -2.72 9.29
CA GLN A 86 20.50 -3.19 10.62
C GLN A 86 20.89 -2.15 11.67
N PHE A 87 22.13 -1.67 11.61
CA PHE A 87 22.53 -0.57 12.50
C PHE A 87 21.52 0.55 12.45
N VAL A 88 21.28 1.08 11.25
CA VAL A 88 20.31 2.16 11.09
C VAL A 88 19.04 1.83 11.85
N SER A 89 18.45 0.66 11.56
CA SER A 89 17.16 0.34 12.14
C SER A 89 17.24 0.34 13.67
N GLU A 90 18.22 -0.36 14.23
CA GLU A 90 18.32 -0.42 15.69
C GLU A 90 18.45 0.97 16.26
N SER A 91 19.33 1.79 15.66
CA SER A 91 19.53 3.15 16.13
C SER A 91 18.21 3.88 16.19
N CYS A 92 17.48 3.86 15.09
CA CYS A 92 16.20 4.55 15.05
C CYS A 92 15.31 4.04 16.16
N THR A 93 15.22 2.72 16.30
CA THR A 93 14.38 2.16 17.34
C THR A 93 14.79 2.71 18.70
N TYR A 94 16.10 2.65 18.99
CA TYR A 94 16.58 3.14 20.28
C TYR A 94 16.20 4.59 20.46
N ALA A 95 16.38 5.41 19.42
CA ALA A 95 16.01 6.82 19.50
C ALA A 95 14.57 6.97 19.99
N LYS A 96 13.63 6.27 19.36
CA LYS A 96 12.25 6.41 19.78
C LYS A 96 12.10 6.10 21.26
N VAL A 97 12.66 4.97 21.71
CA VAL A 97 12.49 4.62 23.12
C VAL A 97 12.94 5.79 23.99
N LEU A 98 14.15 6.29 23.71
CA LEU A 98 14.69 7.34 24.55
C LEU A 98 13.83 8.58 24.47
N THR A 99 13.45 8.99 23.26
CA THR A 99 12.63 10.19 23.18
C THR A 99 11.31 9.97 23.89
N ILE A 100 10.70 8.79 23.73
CA ILE A 100 9.51 8.49 24.51
C ILE A 100 9.81 8.69 25.99
N THR A 101 10.84 8.00 26.47
CA THR A 101 11.21 8.13 27.87
C THR A 101 11.41 9.58 28.22
N ALA A 102 12.19 10.31 27.40
CA ALA A 102 12.46 11.70 27.71
C ALA A 102 11.16 12.46 27.91
N LEU A 103 10.27 12.39 26.91
CA LEU A 103 9.05 13.18 27.03
C LEU A 103 8.22 12.67 28.19
N SER A 104 8.13 11.34 28.35
CA SER A 104 7.39 10.81 29.49
C SER A 104 7.90 11.43 30.77
N VAL A 105 9.23 11.36 30.96
CA VAL A 105 9.83 11.89 32.18
C VAL A 105 9.40 13.34 32.38
N GLU A 106 9.56 14.17 31.34
CA GLU A 106 9.25 15.58 31.51
C GLU A 106 7.78 15.74 31.87
N ARG A 107 6.91 15.05 31.14
CA ARG A 107 5.48 15.19 31.40
C ARG A 107 5.18 14.75 32.83
N TYR A 108 5.85 13.70 33.30
CA TYR A 108 5.66 13.27 34.69
C TYR A 108 6.06 14.36 35.66
N PHE A 109 7.28 14.91 35.50
CA PHE A 109 7.70 15.99 36.37
C PHE A 109 6.74 17.17 36.30
N ALA A 110 6.15 17.41 35.14
CA ALA A 110 5.29 18.57 35.00
C ALA A 110 4.05 18.45 35.86
N ILE A 111 3.63 17.22 36.19
CA ILE A 111 2.31 16.98 36.74
C ILE A 111 2.40 16.59 38.20
N CYS A 112 3.35 15.72 38.55
CA CYS A 112 3.47 15.19 39.91
C CYS A 112 4.29 16.10 40.79
N PHE A 113 5.18 16.90 40.21
CA PHE A 113 5.98 17.89 40.93
C PHE A 113 5.69 19.25 40.32
N PRO A 114 4.46 19.75 40.48
CA PRO A 114 4.08 20.97 39.75
C PRO A 114 4.78 22.22 40.28
N LEU A 115 5.20 22.22 41.55
CA LEU A 115 5.80 23.38 42.19
C LEU A 115 7.26 23.58 41.81
N ARG A 116 7.84 22.69 41.00
CA ARG A 116 9.30 22.57 40.91
C ARG A 116 9.91 23.56 39.92
N ALA A 117 9.40 23.60 38.70
CA ALA A 117 10.05 24.41 37.66
C ALA A 117 9.08 24.96 36.62
N THR A 122 13.13 26.22 28.05
CA THR A 122 13.49 26.95 26.83
C THR A 122 13.65 26.01 25.65
N LYS A 123 13.76 26.59 24.44
CA LYS A 123 13.77 25.78 23.23
C LYS A 123 15.12 25.17 22.94
N GLY A 124 16.21 25.75 23.46
CA GLY A 124 17.50 25.12 23.33
C GLY A 124 17.59 23.82 24.11
N ARG A 125 16.83 23.70 25.20
CA ARG A 125 16.89 22.51 26.03
C ARG A 125 16.43 21.27 25.26
N VAL A 126 15.29 21.39 24.57
CA VAL A 126 14.75 20.25 23.82
C VAL A 126 15.72 19.85 22.71
N LYS A 127 16.29 20.83 22.02
CA LYS A 127 17.26 20.54 20.97
C LYS A 127 18.46 19.75 21.52
N LEU A 128 18.95 20.15 22.70
CA LEU A 128 20.07 19.42 23.29
C LEU A 128 19.66 18.02 23.72
N VAL A 129 18.47 17.87 24.30
CA VAL A 129 18.04 16.55 24.75
C VAL A 129 17.88 15.61 23.57
N ILE A 130 17.32 16.11 22.46
CA ILE A 130 17.21 15.27 21.27
C ILE A 130 18.60 14.90 20.74
N PHE A 131 19.52 15.86 20.73
CA PHE A 131 20.88 15.55 20.29
C PHE A 131 21.48 14.42 21.12
N VAL A 132 21.33 14.51 22.44
CA VAL A 132 21.91 13.50 23.32
C VAL A 132 21.23 12.16 23.10
N ILE A 133 19.91 12.17 22.91
CA ILE A 133 19.18 10.93 22.65
C ILE A 133 19.77 10.24 21.43
N TRP A 134 19.91 10.97 20.34
CA TRP A 134 20.47 10.40 19.11
C TRP A 134 21.88 9.88 19.30
N ALA A 135 22.70 10.57 20.11
CA ALA A 135 24.05 10.09 20.38
C ALA A 135 24.02 8.77 21.15
N VAL A 136 23.19 8.69 22.19
CA VAL A 136 23.13 7.45 22.97
C VAL A 136 22.61 6.31 22.11
N ALA A 137 21.61 6.59 21.27
CA ALA A 137 21.08 5.55 20.38
C ALA A 137 22.16 5.05 19.43
N PHE A 138 22.83 5.96 18.72
CA PHE A 138 23.88 5.57 17.78
C PHE A 138 24.96 4.73 18.44
N CYS A 139 25.40 5.13 19.65
CA CYS A 139 26.40 4.32 20.34
C CYS A 139 25.85 2.96 20.72
N SER A 140 24.65 2.93 21.32
CA SER A 140 24.06 1.68 21.81
C SER A 140 23.78 0.70 20.69
N ALA A 141 23.37 1.19 19.52
CA ALA A 141 23.22 0.35 18.34
C ALA A 141 24.53 0.07 17.65
N GLY A 142 25.60 0.79 18.00
CA GLY A 142 26.90 0.62 17.39
C GLY A 142 27.34 -0.81 17.19
N PRO A 143 27.25 -1.65 18.23
CA PRO A 143 27.79 -3.02 18.10
C PRO A 143 27.06 -3.87 17.08
N ILE A 144 25.75 -3.69 16.90
CA ILE A 144 25.05 -4.24 15.74
C ILE A 144 25.91 -4.19 14.48
N PHE A 145 26.59 -3.07 14.27
CA PHE A 145 27.34 -2.89 13.03
C PHE A 145 28.37 -4.01 12.82
N VAL A 146 29.04 -4.44 13.88
CA VAL A 146 30.18 -5.35 13.72
C VAL A 146 29.85 -6.82 13.96
N LEU A 147 28.66 -7.14 14.47
CA LEU A 147 28.41 -8.53 14.87
C LEU A 147 27.19 -9.15 14.19
N VAL A 148 26.64 -8.49 13.18
CA VAL A 148 25.69 -9.10 12.27
C VAL A 148 26.38 -9.21 10.91
N GLY A 149 25.97 -10.20 10.13
CA GLY A 149 26.57 -10.33 8.81
C GLY A 149 25.80 -11.33 7.96
N VAL A 150 26.27 -11.49 6.73
CA VAL A 150 25.77 -12.50 5.81
C VAL A 150 26.93 -13.44 5.49
N GLU A 151 26.83 -14.69 5.93
CA GLU A 151 27.81 -15.72 5.60
C GLU A 151 27.07 -17.06 5.56
N HIS A 152 27.77 -18.08 5.04
CA HIS A 152 27.21 -19.42 4.76
C HIS A 152 25.99 -19.82 5.60
N TRP A 159 19.66 -23.23 5.45
CA TRP A 159 19.21 -24.61 5.55
C TRP A 159 17.74 -24.38 5.41
N ASP A 160 17.21 -23.80 6.50
CA ASP A 160 15.85 -23.33 6.59
C ASP A 160 15.74 -21.88 7.05
N THR A 161 16.85 -21.15 7.15
CA THR A 161 16.83 -19.74 7.56
C THR A 161 17.37 -18.86 6.44
N ASN A 162 17.14 -17.55 6.59
CA ASN A 162 17.37 -16.63 5.48
C ASN A 162 17.38 -15.17 5.89
N GLU A 163 18.29 -14.75 6.74
CA GLU A 163 18.31 -13.30 6.92
C GLU A 163 19.72 -12.77 6.82
N CYS A 164 19.85 -11.52 7.25
CA CYS A 164 21.07 -11.10 7.88
C CYS A 164 20.88 -11.24 9.39
N ARG A 165 21.87 -11.83 10.02
CA ARG A 165 21.67 -12.44 11.33
C ARG A 165 22.96 -12.32 12.10
N PRO A 166 22.95 -12.62 13.40
CA PRO A 166 24.17 -12.56 14.20
C PRO A 166 25.23 -13.51 13.67
N THR A 167 26.46 -13.03 13.58
CA THR A 167 27.56 -13.86 13.11
C THR A 167 28.01 -14.81 14.20
N GLU A 168 28.86 -15.77 13.80
CA GLU A 168 29.40 -16.68 14.80
C GLU A 168 30.31 -15.96 15.77
N PHE A 169 31.11 -15.01 15.28
CA PHE A 169 31.89 -14.16 16.17
C PHE A 169 31.00 -13.50 17.21
N ALA A 170 29.81 -13.06 16.79
CA ALA A 170 28.85 -12.52 17.75
C ALA A 170 28.44 -13.58 18.76
N VAL A 171 28.07 -14.77 18.30
CA VAL A 171 27.47 -15.74 19.20
C VAL A 171 28.49 -16.24 20.21
N ARG A 172 29.65 -16.64 19.74
CA ARG A 172 30.59 -17.38 20.56
C ARG A 172 31.55 -16.51 21.33
N SER A 173 31.48 -15.19 21.17
CA SER A 173 32.28 -14.30 22.01
C SER A 173 31.46 -13.69 23.14
N GLY A 174 30.17 -13.97 23.20
CA GLY A 174 29.32 -13.41 24.22
C GLY A 174 28.74 -12.06 23.90
N LEU A 175 29.17 -11.42 22.81
CA LEU A 175 28.66 -10.10 22.48
C LEU A 175 27.18 -10.16 22.14
N LEU A 176 26.71 -11.26 21.56
CA LEU A 176 25.30 -11.36 21.26
C LEU A 176 24.45 -11.29 22.53
N THR A 177 24.90 -11.93 23.60
CA THR A 177 24.14 -11.87 24.85
C THR A 177 24.12 -10.45 25.42
N VAL A 178 25.26 -9.75 25.34
CA VAL A 178 25.29 -8.35 25.77
C VAL A 178 24.28 -7.54 24.98
N MET A 179 24.23 -7.75 23.66
CA MET A 179 23.31 -6.98 22.86
C MET A 179 21.86 -7.36 23.13
N VAL A 180 21.61 -8.62 23.50
CA VAL A 180 20.26 -9.00 23.89
C VAL A 180 19.87 -8.29 25.17
N TRP A 181 20.81 -8.17 26.11
CA TRP A 181 20.58 -7.35 27.31
C TRP A 181 20.22 -5.91 26.93
N VAL A 182 21.04 -5.30 26.06
CA VAL A 182 20.81 -3.91 25.65
C VAL A 182 19.43 -3.75 25.03
N SER A 183 19.08 -4.67 24.12
CA SER A 183 17.77 -4.67 23.50
C SER A 183 16.66 -4.81 24.54
N SER A 184 16.83 -5.71 25.51
CA SER A 184 15.80 -5.94 26.50
C SER A 184 15.60 -4.73 27.40
N ILE A 185 16.69 -4.09 27.79
CA ILE A 185 16.58 -2.87 28.58
C ILE A 185 15.81 -1.80 27.81
N PHE A 186 16.20 -1.58 26.55
CA PHE A 186 15.49 -0.60 25.75
C PHE A 186 14.02 -0.94 25.63
N PHE A 187 13.71 -2.23 25.46
CA PHE A 187 12.30 -2.63 25.40
C PHE A 187 11.58 -2.25 26.68
N PHE A 188 12.23 -2.46 27.82
CA PHE A 188 11.52 -2.27 29.08
C PHE A 188 11.35 -0.79 29.45
N LEU A 189 12.20 0.10 28.93
CA LEU A 189 12.06 1.51 29.27
C LEU A 189 10.68 2.07 28.94
N PRO A 190 10.08 1.83 27.77
CA PRO A 190 8.71 2.32 27.55
C PRO A 190 7.70 1.58 28.38
N VAL A 191 7.93 0.31 28.70
CA VAL A 191 7.05 -0.37 29.66
C VAL A 191 7.07 0.38 30.99
N PHE A 192 8.26 0.75 31.46
CA PHE A 192 8.33 1.52 32.70
C PHE A 192 7.57 2.84 32.57
N CYS A 193 7.67 3.47 31.40
CA CYS A 193 6.99 4.75 31.18
C CYS A 193 5.48 4.59 31.28
N LEU A 194 4.95 3.60 30.58
CA LEU A 194 3.49 3.41 30.57
C LEU A 194 3.00 2.92 31.92
N THR A 195 3.69 1.95 32.49
CA THR A 195 3.19 1.27 33.69
C THR A 195 3.33 2.15 34.92
N VAL A 196 4.50 2.73 35.13
CA VAL A 196 4.78 3.49 36.34
C VAL A 196 4.41 4.94 36.15
N LEU A 197 5.10 5.61 35.22
CA LEU A 197 4.94 7.05 35.08
C LEU A 197 3.51 7.41 34.73
N TYR A 198 2.93 6.76 33.71
CA TYR A 198 1.61 7.19 33.29
C TYR A 198 0.53 6.82 34.31
N SER A 199 0.69 5.70 35.03
CA SER A 199 -0.32 5.37 36.01
C SER A 199 -0.29 6.34 37.19
N LEU A 200 0.91 6.75 37.63
CA LEU A 200 0.99 7.79 38.66
C LEU A 200 0.43 9.12 38.17
N ILE A 201 0.69 9.44 36.90
CA ILE A 201 0.14 10.65 36.32
C ILE A 201 -1.38 10.63 36.36
N GLY A 202 -1.98 9.55 35.85
CA GLY A 202 -3.42 9.45 35.84
C GLY A 202 -4.01 9.42 37.24
N ARG A 203 -3.28 8.87 38.20
CA ARG A 203 -3.81 8.83 39.56
C ARG A 203 -3.86 10.23 40.16
N LYS A 204 -2.86 11.07 39.88
CA LYS A 204 -2.99 12.44 40.35
C LYS A 204 -4.02 13.23 39.52
N LEU A 205 -4.12 12.92 38.22
CA LEU A 205 -5.02 13.66 37.35
C LEU A 205 -6.47 13.49 37.73
N TRP A 206 -6.83 12.35 38.30
CA TRP A 206 -8.20 12.03 38.70
C TRP A 206 -8.22 11.76 40.20
N ARG A 207 -7.89 12.78 40.98
CA ARG A 207 -7.94 12.73 42.45
C ARG A 207 -8.89 13.81 42.93
N ARG A 208 -9.95 13.41 43.63
CA ARG A 208 -10.99 14.34 44.03
C ARG A 208 -10.49 15.32 45.10
N ARG A 209 -10.91 16.57 44.97
CA ARG A 209 -10.60 17.61 45.95
C ARG A 209 -11.70 18.68 45.99
N GLY A 211 -14.71 19.03 44.92
CA GLY A 211 -15.88 18.91 44.07
C GLY A 211 -15.61 18.17 42.78
N THR A 212 -14.50 18.52 42.13
CA THR A 212 -14.09 17.88 40.89
C THR A 212 -12.65 17.42 41.00
N THR A 213 -12.03 17.20 39.84
CA THR A 213 -10.67 16.70 39.73
C THR A 213 -9.86 17.62 38.83
N MET A 214 -8.54 17.46 38.90
CA MET A 214 -7.65 18.24 38.05
C MET A 214 -7.97 18.04 36.58
N ALA A 215 -8.28 16.81 36.19
CA ALA A 215 -8.66 16.54 34.81
C ALA A 215 -9.92 17.28 34.41
N ASP A 216 -10.87 17.43 35.35
CA ASP A 216 -12.10 18.16 35.05
C ASP A 216 -11.81 19.64 34.86
N LEU A 217 -10.97 20.22 35.73
CA LEU A 217 -10.60 21.62 35.57
C LEU A 217 -10.00 21.88 34.20
N GLU A 218 -9.20 20.93 33.71
CA GLU A 218 -8.62 21.09 32.38
C GLU A 218 -9.66 20.99 31.28
N ASP A 219 -10.68 20.16 31.47
CA ASP A 219 -11.77 20.11 30.50
C ASP A 219 -12.52 21.44 30.46
N ASN A 220 -12.76 22.03 31.64
CA ASN A 220 -13.47 23.31 31.72
C ASN A 220 -12.65 24.45 31.13
N TRP A 221 -11.37 24.52 31.47
CA TRP A 221 -10.47 25.53 30.91
C TRP A 221 -10.48 25.48 29.38
N GLU A 222 -10.24 24.28 28.83
CA GLU A 222 -10.32 23.94 27.41
C GLU A 222 -11.66 24.25 26.77
N THR A 223 -12.77 24.08 27.49
CA THR A 223 -14.02 24.50 26.87
C THR A 223 -14.15 26.01 26.90
N LEU A 224 -13.60 26.65 27.92
CA LEU A 224 -13.66 28.11 28.01
C LEU A 224 -12.84 28.75 26.90
N ASN A 225 -11.62 28.26 26.69
CA ASN A 225 -10.76 28.84 25.67
C ASN A 225 -11.31 28.58 24.27
N ASP A 226 -11.95 27.43 24.04
CA ASP A 226 -12.48 27.16 22.71
C ASP A 226 -13.68 28.04 22.39
N ASN A 227 -14.62 28.17 23.33
CA ASN A 227 -15.79 29.02 23.10
C ASN A 227 -15.40 30.49 22.99
N LEU A 228 -14.30 30.89 23.62
CA LEU A 228 -13.77 32.22 23.43
C LEU A 228 -13.33 32.45 21.99
N LYS A 229 -12.79 31.42 21.35
CA LYS A 229 -12.39 31.54 19.94
C LYS A 229 -13.62 31.62 19.03
N VAL A 230 -14.73 31.03 19.44
CA VAL A 230 -15.94 31.05 18.62
C VAL A 230 -16.49 32.46 18.50
N ILE A 231 -16.55 33.19 19.63
CA ILE A 231 -17.08 34.54 19.63
C ILE A 231 -16.23 35.50 18.81
N GLU A 232 -14.97 35.15 18.54
CA GLU A 232 -14.14 35.99 17.68
C GLU A 232 -14.69 36.08 16.27
N LYS A 233 -15.40 35.03 15.82
CA LYS A 233 -15.91 34.99 14.46
C LYS A 233 -17.40 34.76 14.37
N ALA A 234 -18.11 34.72 15.49
CA ALA A 234 -19.54 34.49 15.45
C ALA A 234 -20.26 35.73 14.96
N ASP A 235 -21.42 35.51 14.38
CA ASP A 235 -22.14 36.44 13.55
C ASP A 235 -23.56 36.64 14.01
N ASN A 236 -23.98 35.84 14.96
CA ASN A 236 -25.35 35.72 15.39
C ASN A 236 -25.48 35.99 16.88
N ALA A 237 -26.69 36.40 17.28
CA ALA A 237 -27.04 36.44 18.70
C ALA A 237 -26.95 35.05 19.32
N ALA A 238 -27.72 34.09 18.79
CA ALA A 238 -27.73 32.74 19.36
C ALA A 238 -26.35 32.08 19.27
N GLN A 239 -25.55 32.42 18.26
CA GLN A 239 -24.21 31.86 18.15
C GLN A 239 -23.32 32.31 19.31
N VAL A 240 -23.15 33.61 19.45
CA VAL A 240 -22.37 34.15 20.57
C VAL A 240 -22.99 33.72 21.89
N LYS A 241 -24.33 33.79 21.99
CA LYS A 241 -25.04 33.40 23.21
C LYS A 241 -24.88 31.93 23.52
N ASP A 242 -24.84 31.10 22.49
CA ASP A 242 -24.61 29.67 22.72
C ASP A 242 -23.24 29.46 23.34
N ALA A 243 -22.20 30.03 22.70
CA ALA A 243 -20.85 29.93 23.26
C ALA A 243 -20.82 30.43 24.69
N LEU A 244 -21.40 31.61 24.93
CA LEU A 244 -21.38 32.18 26.27
C LEU A 244 -22.14 31.32 27.28
N THR A 245 -23.23 30.67 26.85
CA THR A 245 -23.97 29.81 27.75
C THR A 245 -23.11 28.64 28.22
N LYS A 246 -22.42 28.00 27.27
CA LYS A 246 -21.55 26.88 27.58
C LYS A 246 -20.40 27.32 28.49
N MET A 247 -19.79 28.47 28.20
CA MET A 247 -18.73 29.01 29.06
C MET A 247 -19.19 29.13 30.51
N ARG A 248 -20.39 29.66 30.73
CA ARG A 248 -20.79 29.98 32.08
C ARG A 248 -20.95 28.72 32.93
N ALA A 249 -21.59 27.69 32.37
CA ALA A 249 -21.60 26.40 33.07
C ALA A 249 -20.17 25.93 33.34
N ALA A 250 -19.30 26.03 32.33
CA ALA A 250 -17.90 25.67 32.52
C ALA A 250 -17.26 26.45 33.64
N ALA A 251 -17.56 27.76 33.74
CA ALA A 251 -16.87 28.61 34.68
C ALA A 251 -17.28 28.31 36.11
N LEU A 252 -18.58 28.12 36.36
CA LEU A 252 -19.01 27.66 37.67
C LEU A 252 -18.38 26.32 38.00
N ASP A 253 -18.45 25.37 37.06
CA ASP A 253 -18.09 24.02 37.41
C ASP A 253 -16.57 23.91 37.57
N ALA A 254 -15.84 24.90 37.07
CA ALA A 254 -14.40 25.00 37.22
C ALA A 254 -13.98 25.84 38.42
N GLN A 255 -14.90 26.63 38.99
CA GLN A 255 -14.55 27.49 40.11
C GLN A 255 -14.20 26.67 41.35
N LYS A 256 -14.77 25.47 41.44
CA LYS A 256 -14.64 24.56 42.57
C LYS A 256 -13.28 23.89 42.63
N ALA A 257 -12.60 23.80 41.48
CA ALA A 257 -11.38 23.03 41.36
C ALA A 257 -10.29 23.62 42.23
N THR A 258 -9.27 22.82 42.47
CA THR A 258 -8.14 23.22 43.29
C THR A 258 -6.92 23.30 42.37
N PRO A 259 -6.46 24.50 42.03
CA PRO A 259 -5.41 24.65 41.01
C PRO A 259 -4.16 23.89 41.36
N PRO A 260 -3.34 23.56 40.36
CA PRO A 260 -2.15 22.74 40.63
C PRO A 260 -1.06 23.48 41.40
N LYS A 261 -0.86 24.78 41.11
CA LYS A 261 0.12 25.56 41.84
C LYS A 261 -0.25 25.72 43.30
N LEU A 262 -1.52 25.49 43.64
CA LEU A 262 -2.00 25.67 45.00
C LEU A 262 -2.49 24.35 45.59
N GLU A 263 -1.96 23.22 45.13
CA GLU A 263 -2.41 21.92 45.60
C GLU A 263 -2.12 21.73 47.08
N ASP A 264 -0.95 22.20 47.52
CA ASP A 264 -0.56 22.08 48.93
C ASP A 264 -0.90 23.36 49.69
N LYS A 265 -2.21 23.61 49.79
CA LYS A 265 -2.73 24.78 50.49
C LYS A 265 -4.03 24.40 51.18
N SER A 266 -4.69 25.40 51.80
CA SER A 266 -5.93 25.22 52.53
C SER A 266 -7.10 25.82 51.76
N PRO A 267 -8.29 25.22 51.86
CA PRO A 267 -9.44 25.74 51.10
C PRO A 267 -9.85 27.16 51.46
N ASP A 268 -9.44 27.67 52.62
CA ASP A 268 -9.76 29.03 53.02
C ASP A 268 -8.51 29.91 52.98
N SER A 269 -7.75 29.81 51.93
CA SER A 269 -6.49 30.54 51.83
C SER A 269 -6.71 31.86 51.09
N PRO A 270 -5.81 32.83 51.28
CA PRO A 270 -5.84 34.02 50.43
C PRO A 270 -5.68 33.73 48.96
N GLU A 271 -5.07 32.60 48.60
CA GLU A 271 -4.90 32.25 47.20
C GLU A 271 -6.16 31.64 46.60
N MET A 272 -6.84 30.74 47.32
CA MET A 272 -8.14 30.25 46.84
C MET A 272 -9.17 31.35 46.78
N LYS A 273 -9.10 32.35 47.68
CA LYS A 273 -10.03 33.46 47.54
C LYS A 273 -9.86 34.11 46.17
N ASP A 274 -8.63 34.53 45.86
CA ASP A 274 -8.37 35.20 44.60
C ASP A 274 -8.71 34.31 43.41
N PHE A 275 -8.39 33.02 43.50
CA PHE A 275 -8.82 32.08 42.47
C PHE A 275 -10.34 32.02 42.38
N ARG A 276 -11.00 31.84 43.53
CA ARG A 276 -12.42 31.50 43.49
C ARG A 276 -13.24 32.75 43.21
N HIS A 277 -12.72 33.90 43.67
CA HIS A 277 -13.28 35.21 43.33
C HIS A 277 -13.02 35.58 41.88
N GLY A 278 -11.87 35.17 41.33
CA GLY A 278 -11.59 35.46 39.93
C GLY A 278 -12.64 34.88 39.00
N PHE A 279 -13.16 33.70 39.35
CA PHE A 279 -14.23 33.11 38.57
C PHE A 279 -15.56 33.79 38.85
N ASP A 280 -15.73 34.34 40.06
CA ASP A 280 -16.92 35.14 40.34
C ASP A 280 -17.00 36.35 39.42
N ILE A 281 -15.88 37.05 39.23
CA ILE A 281 -15.83 38.11 38.23
C ILE A 281 -16.13 37.56 36.85
N LEU A 282 -15.42 36.50 36.46
CA LEU A 282 -15.53 35.97 35.10
C LEU A 282 -16.94 35.50 34.77
N VAL A 283 -17.66 34.94 35.75
CA VAL A 283 -19.07 34.64 35.53
C VAL A 283 -19.84 35.93 35.28
N GLY A 284 -19.58 36.96 36.10
CA GLY A 284 -20.30 38.21 35.95
C GLY A 284 -20.09 38.83 34.58
N GLN A 285 -18.85 38.82 34.10
CA GLN A 285 -18.57 39.33 32.76
C GLN A 285 -19.32 38.54 31.70
N ILE A 286 -19.42 37.22 31.89
CA ILE A 286 -20.20 36.40 30.95
C ILE A 286 -21.66 36.81 30.98
N ASP A 287 -22.20 37.05 32.18
CA ASP A 287 -23.58 37.48 32.31
C ASP A 287 -23.83 38.78 31.55
N ASP A 288 -22.90 39.73 31.66
CA ASP A 288 -23.05 41.00 30.98
C ASP A 288 -22.92 40.86 29.46
N ALA A 289 -21.99 40.03 29.00
CA ALA A 289 -21.87 39.78 27.56
C ALA A 289 -23.11 39.07 27.03
N LEU A 290 -23.72 38.21 27.85
CA LEU A 290 -24.99 37.57 27.49
C LEU A 290 -26.09 38.59 27.29
N LYS A 291 -26.22 39.53 28.22
CA LYS A 291 -27.27 40.54 28.14
C LYS A 291 -27.06 41.48 26.95
N LEU A 292 -25.83 41.62 26.45
CA LEU A 292 -25.60 42.32 25.19
C LEU A 292 -26.05 41.47 24.02
N ALA A 293 -25.81 40.16 24.09
CA ALA A 293 -26.23 39.28 23.00
C ALA A 293 -27.74 39.22 22.90
N ASN A 294 -28.43 39.16 24.04
CA ASN A 294 -29.90 39.09 24.02
C ASN A 294 -30.51 40.28 23.31
N GLU A 295 -29.87 41.45 23.39
CA GLU A 295 -30.42 42.68 22.84
C GLU A 295 -29.80 43.04 21.49
N GLY A 296 -29.41 42.04 20.71
CA GLY A 296 -28.94 42.27 19.36
C GLY A 296 -27.67 43.08 19.25
N LYS A 297 -26.74 42.91 20.19
CA LYS A 297 -25.47 43.62 20.20
C LYS A 297 -24.34 42.59 20.08
N VAL A 298 -24.17 42.06 18.87
CA VAL A 298 -23.18 40.99 18.67
C VAL A 298 -21.75 41.54 18.80
N LYS A 299 -21.44 42.62 18.07
CA LYS A 299 -20.08 43.17 18.12
C LYS A 299 -19.76 43.72 19.49
N GLU A 300 -20.78 44.03 20.29
CA GLU A 300 -20.58 44.50 21.65
C GLU A 300 -20.34 43.35 22.62
N ALA A 301 -20.97 42.20 22.38
CA ALA A 301 -20.71 41.03 23.20
C ALA A 301 -19.29 40.53 23.02
N GLN A 302 -18.77 40.60 21.79
CA GLN A 302 -17.40 40.18 21.53
C GLN A 302 -16.40 41.09 22.23
N ALA A 303 -16.64 42.40 22.22
CA ALA A 303 -15.78 43.31 22.96
C ALA A 303 -15.78 42.97 24.44
N ALA A 304 -16.96 42.68 25.00
CA ALA A 304 -17.03 42.22 26.38
C ALA A 304 -16.19 40.98 26.58
N ALA A 305 -16.38 39.98 25.72
CA ALA A 305 -15.64 38.73 25.79
C ALA A 305 -14.12 38.93 25.83
N GLU A 306 -13.61 40.05 25.31
CA GLU A 306 -12.17 40.28 25.39
C GLU A 306 -11.75 40.64 26.81
N GLN A 307 -12.59 41.38 27.55
CA GLN A 307 -12.32 41.60 28.96
C GLN A 307 -12.22 40.28 29.70
N LEU A 308 -13.08 39.34 29.35
CA LEU A 308 -13.01 38.00 29.91
C LEU A 308 -11.60 37.44 29.79
N LYS A 309 -10.98 37.62 28.62
CA LYS A 309 -9.61 37.14 28.43
C LYS A 309 -8.67 37.78 29.44
N THR A 310 -8.66 39.10 29.54
CA THR A 310 -7.71 39.79 30.41
C THR A 310 -7.97 39.48 31.88
N THR A 311 -9.24 39.40 32.29
CA THR A 311 -9.56 38.98 33.64
C THR A 311 -9.05 37.57 33.91
N ARG A 312 -9.39 36.64 33.02
CA ARG A 312 -8.88 35.28 33.09
C ARG A 312 -7.35 35.27 33.12
N ASN A 313 -6.73 36.07 32.26
CA ASN A 313 -5.29 36.16 32.10
C ASN A 313 -4.60 36.49 33.44
N ALA A 314 -5.05 37.53 34.15
CA ALA A 314 -4.41 37.97 35.40
C ALA A 314 -4.63 37.01 36.57
N TYR A 315 -5.88 36.66 36.87
CA TYR A 315 -6.17 35.91 38.10
C TYR A 315 -5.68 34.47 38.02
N ILE A 316 -5.95 33.80 36.90
CA ILE A 316 -6.01 32.36 36.88
C ILE A 316 -4.76 31.74 36.27
N GLN A 317 -4.20 32.36 35.21
CA GLN A 317 -2.96 31.85 34.66
C GLN A 317 -1.85 31.83 35.71
N LYS A 318 -1.86 32.83 36.60
CA LYS A 318 -0.87 32.85 37.68
C LYS A 318 -1.06 31.70 38.67
N TYR A 319 -2.24 31.09 38.71
CA TYR A 319 -2.52 29.99 39.62
C TYR A 319 -2.44 28.62 38.95
N LEU A 320 -2.02 28.57 37.69
CA LEU A 320 -1.89 27.32 36.96
C LEU A 320 -0.90 27.44 35.81
N ARG A 322 1.14 25.69 33.89
CA ARG A 322 1.57 26.01 32.53
C ARG A 322 0.69 25.34 31.50
N ASP A 323 1.03 24.10 31.15
CA ASP A 323 0.19 23.32 30.25
C ASP A 323 -1.19 23.10 30.89
N GLN A 324 -2.23 23.19 30.07
CA GLN A 324 -3.60 22.98 30.52
C GLN A 324 -4.27 21.85 29.75
N ASN A 325 -3.47 20.89 29.25
CA ASN A 325 -3.95 19.81 28.40
C ASN A 325 -3.31 18.47 28.80
N HIS A 326 -3.03 18.27 30.09
CA HIS A 326 -2.34 17.06 30.51
C HIS A 326 -3.19 15.81 30.28
N LYS A 327 -4.50 15.89 30.56
CA LYS A 327 -5.35 14.70 30.46
C LYS A 327 -5.34 14.11 29.04
N GLN A 328 -5.66 14.95 28.04
CA GLN A 328 -5.70 14.47 26.66
C GLN A 328 -4.33 13.99 26.22
N THR A 329 -3.30 14.75 26.58
CA THR A 329 -1.93 14.36 26.25
C THR A 329 -1.61 12.96 26.73
N VAL A 330 -1.84 12.69 28.02
CA VAL A 330 -1.39 11.44 28.59
C VAL A 330 -2.25 10.29 28.06
N LYS A 331 -3.53 10.52 27.79
CA LYS A 331 -4.32 9.46 27.14
C LYS A 331 -3.71 9.10 25.79
N MET A 332 -3.41 10.12 24.97
CA MET A 332 -2.78 9.87 23.69
C MET A 332 -1.47 9.11 23.84
N LEU A 333 -0.63 9.58 24.77
CA LEU A 333 0.68 8.97 24.96
C LEU A 333 0.56 7.53 25.43
N ALA A 334 -0.43 7.24 26.27
CA ALA A 334 -0.67 5.86 26.67
C ALA A 334 -1.01 5.01 25.46
N VAL A 335 -1.84 5.53 24.56
CA VAL A 335 -2.15 4.76 23.35
C VAL A 335 -0.89 4.56 22.51
N VAL A 336 -0.13 5.63 22.29
CA VAL A 336 1.09 5.55 21.50
C VAL A 336 2.06 4.51 22.09
N VAL A 337 2.34 4.62 23.38
CA VAL A 337 3.33 3.75 23.99
C VAL A 337 2.84 2.31 23.98
N PHE A 338 1.56 2.12 24.28
CA PHE A 338 1.01 0.78 24.24
C PHE A 338 1.18 0.17 22.85
N ALA A 339 0.83 0.94 21.82
CA ALA A 339 1.01 0.48 20.45
C ALA A 339 2.46 0.10 20.19
N PHE A 340 3.39 0.93 20.69
CA PHE A 340 4.80 0.65 20.51
C PHE A 340 5.18 -0.69 21.13
N ILE A 341 4.78 -0.89 22.38
CA ILE A 341 5.11 -2.13 23.09
C ILE A 341 4.49 -3.31 22.37
N LEU A 342 3.23 -3.18 21.94
CA LEU A 342 2.56 -4.29 21.28
C LEU A 342 3.28 -4.69 20.00
N CYS A 343 3.67 -3.69 19.20
CA CYS A 343 4.36 -4.02 17.96
C CYS A 343 5.73 -4.62 18.22
N TRP A 344 6.39 -4.23 19.30
CA TRP A 344 7.71 -4.80 19.55
C TRP A 344 7.64 -6.12 20.32
N LEU A 345 6.48 -6.48 20.82
CA LEU A 345 6.41 -7.65 21.71
C LEU A 345 6.74 -8.95 20.98
N PRO A 346 6.10 -9.32 19.87
CA PRO A 346 6.40 -10.63 19.26
C PRO A 346 7.87 -10.86 18.99
N PHE A 347 8.63 -9.84 18.62
CA PHE A 347 10.06 -10.02 18.39
C PHE A 347 10.75 -10.56 19.64
N HIS A 348 10.52 -9.87 20.77
CA HIS A 348 11.15 -10.24 22.02
C HIS A 348 10.66 -11.60 22.52
N VAL A 349 9.35 -11.79 22.55
CA VAL A 349 8.81 -13.06 23.03
C VAL A 349 9.32 -14.21 22.17
N GLY A 350 9.22 -14.07 20.84
CA GLY A 350 9.70 -15.12 19.96
C GLY A 350 11.18 -15.42 20.13
N ARG A 351 12.00 -14.38 20.27
CA ARG A 351 13.43 -14.65 20.46
C ARG A 351 13.66 -15.45 21.72
N TYR A 352 12.95 -15.11 22.80
CA TYR A 352 13.10 -15.85 24.04
C TYR A 352 12.61 -17.28 23.91
N LEU A 353 11.42 -17.46 23.33
CA LEU A 353 10.84 -18.79 23.24
C LEU A 353 11.70 -19.68 22.36
N PHE A 354 12.27 -19.14 21.29
CA PHE A 354 13.08 -19.97 20.39
C PHE A 354 14.45 -20.27 20.99
N SER A 355 15.00 -19.36 21.79
CA SER A 355 16.21 -19.70 22.53
C SER A 355 15.95 -20.81 23.54
N LYS A 356 14.85 -20.72 24.29
CA LYS A 356 14.54 -21.74 25.30
C LYS A 356 14.16 -23.07 24.67
N SER A 357 13.45 -23.04 23.54
CA SER A 357 12.95 -24.27 22.92
C SER A 357 14.10 -25.24 22.69
N PHE A 358 13.87 -26.50 23.07
CA PHE A 358 14.91 -27.51 23.07
C PHE A 358 15.43 -27.82 21.68
N GLU A 359 14.65 -27.55 20.63
CA GLU A 359 14.97 -28.06 19.30
C GLU A 359 15.16 -26.94 18.30
N PRO A 360 16.35 -26.80 17.74
CA PRO A 360 16.52 -25.92 16.56
C PRO A 360 16.71 -26.72 15.29
N GLY A 361 16.33 -26.15 14.15
CA GLY A 361 16.45 -26.84 12.88
C GLY A 361 15.25 -27.67 12.48
N SER A 362 14.37 -28.03 13.42
CA SER A 362 13.14 -28.71 13.06
C SER A 362 12.33 -27.84 12.09
N LEU A 363 11.56 -28.51 11.23
CA LEU A 363 10.82 -27.76 10.22
C LEU A 363 9.69 -26.97 10.87
N GLU A 364 8.97 -27.59 11.82
CA GLU A 364 7.86 -26.88 12.47
C GLU A 364 8.37 -25.66 13.22
N ILE A 365 9.48 -25.81 13.95
CA ILE A 365 10.19 -24.64 14.47
C ILE A 365 10.52 -23.64 13.37
N ALA A 366 11.09 -24.12 12.26
CA ALA A 366 11.47 -23.17 11.22
C ALA A 366 10.26 -22.39 10.71
N GLN A 367 9.14 -23.08 10.51
CA GLN A 367 7.95 -22.44 9.98
C GLN A 367 7.36 -21.45 10.98
N ILE A 368 7.17 -21.89 12.23
CA ILE A 368 6.78 -20.96 13.29
C ILE A 368 7.65 -19.72 13.27
N SER A 369 8.96 -19.91 13.26
CA SER A 369 9.87 -18.79 13.37
C SER A 369 9.72 -17.85 12.19
N GLN A 370 9.57 -18.40 10.98
CA GLN A 370 9.41 -17.58 9.79
C GLN A 370 8.13 -16.76 9.86
N TYR A 371 7.05 -17.36 10.36
CA TYR A 371 5.81 -16.61 10.49
C TYR A 371 5.94 -15.52 11.54
N CYS A 372 6.58 -15.83 12.66
CA CYS A 372 6.80 -14.84 13.70
C CYS A 372 7.60 -13.67 13.13
N ASN A 373 8.64 -13.97 12.35
CA ASN A 373 9.45 -12.91 11.78
C ASN A 373 8.66 -12.08 10.79
N LEU A 374 7.78 -12.73 10.04
CA LEU A 374 6.96 -12.00 9.07
C LEU A 374 6.01 -11.04 9.77
N VAL A 375 5.35 -11.50 10.85
CA VAL A 375 4.41 -10.60 11.51
C VAL A 375 5.20 -9.51 12.21
N SER A 376 6.39 -9.83 12.72
CA SER A 376 7.21 -8.79 13.33
C SER A 376 7.65 -7.76 12.30
N PHE A 377 7.97 -8.20 11.08
CA PHE A 377 8.34 -7.30 10.01
C PHE A 377 7.23 -6.27 9.77
N VAL A 378 6.02 -6.79 9.51
CA VAL A 378 4.89 -5.91 9.29
C VAL A 378 4.66 -5.03 10.51
N LEU A 379 4.88 -5.59 11.70
CA LEU A 379 4.63 -4.80 12.90
C LEU A 379 5.61 -3.64 12.99
N PHE A 380 6.86 -3.88 12.59
CA PHE A 380 7.88 -2.85 12.63
C PHE A 380 7.45 -1.66 11.77
N TYR A 381 7.01 -1.94 10.56
CA TYR A 381 6.57 -0.83 9.71
C TYR A 381 5.25 -0.23 10.18
N LEU A 382 4.38 -1.04 10.77
CA LEU A 382 3.13 -0.52 11.32
C LEU A 382 3.39 0.45 12.48
N SER A 383 4.33 0.10 13.35
CA SER A 383 4.72 1.01 14.43
C SER A 383 5.31 2.29 13.87
N ALA A 384 6.03 2.21 12.74
CA ALA A 384 6.57 3.43 12.15
C ALA A 384 5.48 4.31 11.54
N ALA A 385 4.38 3.72 11.08
CA ALA A 385 3.33 4.52 10.44
C ALA A 385 2.16 4.90 11.34
N ILE A 386 1.99 4.26 12.50
CA ILE A 386 0.73 4.41 13.22
C ILE A 386 0.60 5.71 14.02
N ASN A 387 1.70 6.33 14.43
CA ASN A 387 1.61 7.50 15.30
C ASN A 387 0.80 8.64 14.68
N PRO A 388 1.05 9.05 13.43
CA PRO A 388 0.21 10.13 12.88
C PRO A 388 -1.25 9.77 12.85
N ILE A 389 -1.55 8.50 12.59
CA ILE A 389 -2.94 8.04 12.64
C ILE A 389 -3.52 8.27 14.02
N LEU A 390 -2.80 7.86 15.06
CA LEU A 390 -3.32 8.00 16.42
C LEU A 390 -3.52 9.47 16.77
N TYR A 391 -2.57 10.32 16.38
CA TYR A 391 -2.75 11.74 16.64
C TYR A 391 -4.01 12.26 15.96
N ASN A 392 -4.25 11.83 14.72
CA ASN A 392 -5.44 12.27 14.00
C ASN A 392 -6.71 11.74 14.64
N ILE A 393 -6.65 10.55 15.22
CA ILE A 393 -7.84 9.97 15.85
C ILE A 393 -8.14 10.67 17.16
N MET A 394 -7.10 11.09 17.89
CA MET A 394 -7.27 11.56 19.26
C MET A 394 -7.16 13.06 19.42
N SER A 395 -6.07 13.67 18.98
CA SER A 395 -5.97 15.12 19.02
C SER A 395 -6.82 15.73 17.91
N LYS A 396 -7.71 16.66 18.28
CA LYS A 396 -8.49 17.34 17.27
C LYS A 396 -7.71 18.49 16.64
N LYS A 397 -7.03 19.29 17.45
CA LYS A 397 -6.23 20.40 16.89
C LYS A 397 -5.24 19.89 15.85
N TYR A 398 -4.56 18.78 16.14
CA TYR A 398 -3.64 18.19 15.18
C TYR A 398 -4.37 17.74 13.93
N ARG A 399 -5.53 17.09 14.09
CA ARG A 399 -6.26 16.62 12.91
C ARG A 399 -6.67 17.78 12.03
N VAL A 400 -7.10 18.88 12.65
CA VAL A 400 -7.48 20.08 11.92
C VAL A 400 -6.29 20.65 11.17
N ALA A 401 -5.13 20.76 11.84
CA ALA A 401 -3.96 21.32 11.15
C ALA A 401 -3.55 20.45 9.97
N VAL A 402 -3.60 19.13 10.14
CA VAL A 402 -3.28 18.24 9.03
C VAL A 402 -4.25 18.47 7.88
N PHE A 403 -5.55 18.52 8.19
CA PHE A 403 -6.53 18.71 7.13
C PHE A 403 -6.33 20.04 6.43
N ARG A 404 -5.91 21.07 7.17
CA ARG A 404 -5.66 22.36 6.55
C ARG A 404 -4.49 22.29 5.57
N LEU A 405 -3.40 21.63 5.97
CA LEU A 405 -2.27 21.50 5.04
C LEU A 405 -2.60 20.61 3.85
N LEU A 406 -3.41 19.58 4.07
CA LEU A 406 -3.79 18.70 2.97
C LEU A 406 -4.84 19.35 2.07
N GLY A 407 -5.49 20.40 2.54
CA GLY A 407 -6.53 21.05 1.76
C GLY A 407 -7.89 20.42 1.87
N PHE A 408 -8.29 19.99 3.07
CA PHE A 408 -9.57 19.35 3.26
C PHE A 408 -10.60 20.28 3.92
N LEU B 1 -16.35 22.36 -5.75
CA LEU B 1 -17.80 22.38 -5.59
C LEU B 1 -18.36 20.95 -5.54
N GLN B 2 -17.62 20.00 -4.97
CA GLN B 2 -17.97 18.59 -5.15
C GLN B 2 -19.24 18.21 -4.40
N LEU B 3 -20.02 17.31 -4.99
CA LEU B 3 -21.33 16.90 -4.51
C LEU B 3 -21.38 15.44 -4.07
N PHE B 4 -20.23 14.86 -3.73
CA PHE B 4 -20.19 13.46 -3.32
C PHE B 4 -20.36 13.36 -1.81
N PRO B 5 -21.36 12.64 -1.31
CA PRO B 5 -21.46 12.40 0.13
C PRO B 5 -20.19 11.75 0.66
N ALA B 6 -19.87 12.07 1.92
CA ALA B 6 -18.74 11.42 2.59
C ALA B 6 -18.83 9.90 2.57
N PRO B 7 -19.99 9.26 2.76
CA PRO B 7 -20.04 7.79 2.65
C PRO B 7 -19.61 7.27 1.28
N LEU B 8 -20.06 7.93 0.21
CA LEU B 8 -19.67 7.50 -1.13
C LEU B 8 -18.16 7.58 -1.34
N LEU B 9 -17.57 8.74 -0.98
CA LEU B 9 -16.13 8.89 -1.11
C LEU B 9 -15.38 7.87 -0.27
N ALA B 10 -15.86 7.59 0.94
CA ALA B 10 -15.19 6.61 1.78
C ALA B 10 -15.25 5.23 1.14
N GLY B 11 -16.39 4.86 0.57
CA GLY B 11 -16.48 3.58 -0.11
C GLY B 11 -15.52 3.49 -1.29
N VAL B 12 -15.48 4.56 -2.09
CA VAL B 12 -14.54 4.61 -3.21
C VAL B 12 -13.11 4.46 -2.73
N THR B 13 -12.75 5.19 -1.68
CA THR B 13 -11.38 5.14 -1.18
C THR B 13 -11.04 3.75 -0.68
N ALA B 14 -11.97 3.10 0.02
CA ALA B 14 -11.68 1.77 0.55
C ALA B 14 -11.52 0.76 -0.58
N THR B 15 -12.44 0.81 -1.56
CA THR B 15 -12.29 -0.02 -2.74
C THR B 15 -10.95 0.21 -3.41
N CYS B 16 -10.50 1.46 -3.47
CA CYS B 16 -9.24 1.78 -4.13
C CYS B 16 -8.05 1.28 -3.33
N VAL B 17 -8.12 1.37 -2.02
CA VAL B 17 -7.06 0.80 -1.20
C VAL B 17 -6.99 -0.70 -1.43
N ALA B 18 -8.16 -1.35 -1.47
CA ALA B 18 -8.20 -2.78 -1.76
C ALA B 18 -7.53 -3.10 -3.08
N LEU B 19 -7.88 -2.35 -4.12
CA LEU B 19 -7.27 -2.55 -5.44
C LEU B 19 -5.77 -2.29 -5.37
N PHE B 20 -5.36 -1.28 -4.62
CA PHE B 20 -3.94 -1.00 -4.46
C PHE B 20 -3.20 -2.23 -3.95
N VAL B 21 -3.68 -2.80 -2.84
CA VAL B 21 -3.00 -3.94 -2.21
C VAL B 21 -3.01 -5.14 -3.16
N VAL B 22 -4.19 -5.50 -3.66
CA VAL B 22 -4.32 -6.69 -4.49
C VAL B 22 -3.51 -6.53 -5.77
N GLY B 23 -3.54 -5.33 -6.36
CA GLY B 23 -2.87 -5.12 -7.63
C GLY B 23 -1.35 -5.11 -7.50
N ILE B 24 -0.84 -4.43 -6.46
CA ILE B 24 0.58 -4.53 -6.22
C ILE B 24 0.96 -6.00 -6.08
N ALA B 25 0.28 -6.72 -5.19
CA ALA B 25 0.63 -8.11 -4.93
C ALA B 25 0.61 -8.93 -6.22
N GLY B 26 -0.45 -8.80 -7.01
CA GLY B 26 -0.62 -9.67 -8.16
C GLY B 26 0.34 -9.36 -9.28
N ASN B 27 0.57 -8.06 -9.56
CA ASN B 27 1.51 -7.71 -10.62
C ASN B 27 2.93 -8.06 -10.22
N LEU B 28 3.26 -7.88 -8.95
CA LEU B 28 4.54 -8.36 -8.46
C LEU B 28 4.66 -9.86 -8.72
N LEU B 29 3.63 -10.61 -8.35
CA LEU B 29 3.66 -12.05 -8.58
C LEU B 29 3.92 -12.38 -10.05
N THR B 30 3.24 -11.65 -10.95
CA THR B 30 3.38 -11.94 -12.37
C THR B 30 4.81 -11.70 -12.84
N MET B 31 5.36 -10.54 -12.48
CA MET B 31 6.71 -10.23 -12.93
C MET B 31 7.72 -11.22 -12.38
N LEU B 32 7.57 -11.61 -11.10
CA LEU B 32 8.47 -12.58 -10.49
C LEU B 32 8.40 -13.92 -11.20
N VAL B 33 7.17 -14.40 -11.46
CA VAL B 33 6.99 -15.67 -12.16
C VAL B 33 7.69 -15.65 -13.52
N VAL B 34 7.51 -14.55 -14.28
CA VAL B 34 8.15 -14.49 -15.59
C VAL B 34 9.66 -14.54 -15.44
N SER B 35 10.20 -13.74 -14.52
CA SER B 35 11.66 -13.67 -14.39
C SER B 35 12.27 -14.93 -13.79
N ARG B 36 11.48 -15.78 -13.14
CA ARG B 36 12.02 -16.89 -12.37
C ARG B 36 12.22 -18.14 -13.23
N PHE B 37 11.14 -18.63 -13.85
CA PHE B 37 11.18 -19.88 -14.60
C PHE B 37 11.51 -19.63 -16.06
N ARG B 38 12.44 -20.42 -16.60
CA ARG B 38 12.92 -20.18 -17.96
C ARG B 38 11.84 -20.43 -19.00
N GLU B 39 11.08 -21.51 -18.83
CA GLU B 39 10.13 -21.90 -19.86
C GLU B 39 8.99 -20.90 -20.00
N LEU B 40 8.68 -20.17 -18.93
CA LEU B 40 7.60 -19.19 -18.99
C LEU B 40 8.00 -17.89 -19.67
N ARG B 41 9.26 -17.74 -20.08
CA ARG B 41 9.71 -16.50 -20.69
C ARG B 41 9.46 -16.48 -22.19
N THR B 42 8.23 -16.78 -22.60
CA THR B 42 7.80 -16.62 -23.98
C THR B 42 7.57 -15.14 -24.29
N THR B 43 7.66 -14.79 -25.58
CA THR B 43 7.49 -13.41 -26.02
C THR B 43 6.25 -12.78 -25.40
N THR B 44 5.12 -13.51 -25.50
CA THR B 44 3.86 -13.02 -24.93
C THR B 44 4.00 -12.71 -23.44
N ASN B 45 4.64 -13.61 -22.69
CA ASN B 45 4.80 -13.38 -21.26
C ASN B 45 5.70 -12.19 -20.97
N LEU B 46 6.74 -11.95 -21.78
CA LEU B 46 7.59 -10.80 -21.53
C LEU B 46 6.81 -9.51 -21.71
N TYR B 47 5.97 -9.47 -22.76
CA TYR B 47 5.10 -8.32 -22.93
C TYR B 47 4.17 -8.13 -21.74
N LEU B 48 3.56 -9.24 -21.29
CA LEU B 48 2.67 -9.17 -20.12
C LEU B 48 3.40 -8.64 -18.89
N SER B 49 4.66 -9.04 -18.71
CA SER B 49 5.47 -8.57 -17.60
C SER B 49 5.73 -7.07 -17.71
N SER B 50 6.04 -6.60 -18.91
CA SER B 50 6.10 -5.14 -19.14
C SER B 50 4.83 -4.46 -18.67
N MET B 51 3.67 -5.01 -19.06
CA MET B 51 2.40 -4.42 -18.67
C MET B 51 2.22 -4.44 -17.15
N ALA B 52 2.61 -5.55 -16.53
CA ALA B 52 2.60 -5.63 -15.06
C ALA B 52 3.37 -4.47 -14.45
N PHE B 53 4.51 -4.14 -15.05
CA PHE B 53 5.29 -3.03 -14.54
C PHE B 53 4.55 -1.70 -14.69
N SER B 54 3.93 -1.48 -15.85
CA SER B 54 3.17 -0.24 -16.03
C SER B 54 2.06 -0.15 -14.99
N ASP B 55 1.42 -1.27 -14.70
CA ASP B 55 0.36 -1.31 -13.69
C ASP B 55 0.91 -0.93 -12.31
N LEU B 56 2.07 -1.46 -11.94
CA LEU B 56 2.68 -1.04 -10.68
C LEU B 56 2.86 0.47 -10.65
N LEU B 57 3.31 1.05 -11.77
CA LEU B 57 3.50 2.49 -11.80
C LEU B 57 2.19 3.22 -11.57
N ILE B 58 1.12 2.75 -12.22
CA ILE B 58 -0.19 3.34 -12.01
C ILE B 58 -0.59 3.29 -10.53
N PHE B 59 -0.28 2.19 -9.86
CA PHE B 59 -0.62 2.11 -8.46
C PHE B 59 0.15 3.13 -7.64
N LEU B 60 1.39 3.43 -8.03
CA LEU B 60 2.08 4.52 -7.34
C LEU B 60 1.38 5.85 -7.60
N CYS B 61 0.76 5.99 -8.77
CA CYS B 61 -0.05 7.20 -8.99
C CYS B 61 -1.23 7.29 -8.03
N MET B 62 -1.79 6.15 -7.62
CA MET B 62 -3.04 6.19 -6.86
C MET B 62 -3.06 7.12 -5.64
N PRO B 63 -2.02 7.18 -4.78
CA PRO B 63 -2.17 7.97 -3.54
C PRO B 63 -2.46 9.46 -3.78
N LEU B 64 -1.80 10.06 -4.77
CA LEU B 64 -2.10 11.46 -5.06
C LEU B 64 -3.48 11.63 -5.67
N ASP B 65 -3.94 10.65 -6.48
CA ASP B 65 -5.35 10.66 -6.88
C ASP B 65 -6.29 10.70 -5.70
N LEU B 66 -6.07 9.84 -4.70
CA LEU B 66 -6.98 9.86 -3.55
C LEU B 66 -6.92 11.20 -2.83
N VAL B 67 -5.71 11.74 -2.66
CA VAL B 67 -5.57 13.06 -2.05
C VAL B 67 -6.41 14.08 -2.82
N ARG B 68 -6.17 14.19 -4.13
CA ARG B 68 -6.92 15.14 -4.96
C ARG B 68 -8.41 14.88 -4.89
N LEU B 69 -8.79 13.63 -4.73
CA LEU B 69 -10.20 13.29 -4.63
C LEU B 69 -10.82 13.92 -3.40
N TRP B 70 -10.07 13.96 -2.30
CA TRP B 70 -10.64 14.50 -1.07
C TRP B 70 -10.42 16.00 -0.88
N GLN B 71 -9.67 16.65 -1.76
CA GLN B 71 -9.34 18.05 -1.55
C GLN B 71 -10.51 18.95 -1.88
N TYR B 72 -10.80 19.88 -0.97
CA TYR B 72 -11.66 21.01 -1.28
C TYR B 72 -10.87 22.11 -1.99
N ARG B 73 -9.67 22.38 -1.50
CA ARG B 73 -8.83 23.47 -1.99
C ARG B 73 -7.49 22.90 -2.43
N PRO B 74 -7.18 22.88 -3.72
CA PRO B 74 -5.91 22.33 -4.18
C PRO B 74 -4.72 23.20 -3.80
N TRP B 75 -3.56 22.54 -3.75
CA TRP B 75 -2.31 23.17 -3.34
C TRP B 75 -1.86 24.20 -4.38
N ASN B 76 -0.92 25.05 -3.96
CA ASN B 76 -0.36 26.05 -4.86
C ASN B 76 0.54 25.40 -5.92
N PHE B 77 1.38 24.47 -5.50
CA PHE B 77 2.19 23.68 -6.42
C PHE B 77 1.36 22.63 -7.17
N GLY B 78 0.08 22.50 -6.83
CA GLY B 78 -0.73 21.42 -7.38
C GLY B 78 -0.69 21.34 -8.89
N ASP B 79 -0.72 22.50 -9.56
CA ASP B 79 -0.62 22.56 -11.01
C ASP B 79 0.46 21.62 -11.52
N LEU B 80 1.69 21.80 -11.03
CA LEU B 80 2.78 20.96 -11.47
C LEU B 80 2.45 19.48 -11.27
N LEU B 81 2.04 19.13 -10.05
CA LEU B 81 1.61 17.76 -9.76
C LEU B 81 0.70 17.26 -10.87
N CYS B 82 -0.38 18.01 -11.10
CA CYS B 82 -1.34 17.70 -12.15
C CYS B 82 -0.57 17.32 -13.40
N LYS B 83 0.13 18.30 -13.97
CA LYS B 83 0.89 18.05 -15.19
C LYS B 83 1.65 16.75 -15.07
N LEU B 84 2.58 16.71 -14.13
CA LEU B 84 3.49 15.58 -14.05
C LEU B 84 2.70 14.29 -13.99
N PHE B 85 1.78 14.19 -13.03
CA PHE B 85 1.20 12.88 -12.80
C PHE B 85 0.20 12.51 -13.88
N GLN B 86 -0.48 13.51 -14.45
CA GLN B 86 -1.33 13.18 -15.59
C GLN B 86 -0.47 12.57 -16.68
N PHE B 87 0.67 13.24 -16.96
CA PHE B 87 1.64 12.69 -17.89
C PHE B 87 1.96 11.25 -17.52
N VAL B 88 2.38 11.04 -16.27
CA VAL B 88 2.72 9.70 -15.83
C VAL B 88 1.58 8.75 -16.19
N SER B 89 0.38 9.03 -15.66
CA SER B 89 -0.68 8.07 -15.84
C SER B 89 -0.85 7.76 -17.31
N GLU B 90 -0.92 8.81 -18.13
CA GLU B 90 -1.29 8.58 -19.52
C GLU B 90 -0.15 7.90 -20.26
N SER B 91 1.10 8.24 -19.93
CA SER B 91 2.25 7.51 -20.46
C SER B 91 2.04 6.02 -20.26
N CYS B 92 1.80 5.61 -19.01
CA CYS B 92 1.57 4.20 -18.72
C CYS B 92 0.47 3.65 -19.61
N THR B 93 -0.68 4.34 -19.64
CA THR B 93 -1.78 3.87 -20.47
C THR B 93 -1.30 3.63 -21.89
N TYR B 94 -0.67 4.65 -22.48
CA TYR B 94 -0.20 4.51 -23.86
C TYR B 94 0.74 3.31 -23.97
N ALA B 95 1.71 3.22 -23.06
CA ALA B 95 2.66 2.10 -23.12
C ALA B 95 1.92 0.78 -23.12
N LYS B 96 0.96 0.62 -22.19
CA LYS B 96 0.26 -0.65 -22.11
C LYS B 96 -0.43 -0.95 -23.43
N VAL B 97 -1.11 0.06 -23.97
CA VAL B 97 -1.77 -0.06 -25.26
C VAL B 97 -0.80 -0.61 -26.28
N LEU B 98 0.33 0.07 -26.44
CA LEU B 98 1.28 -0.35 -27.47
C LEU B 98 1.78 -1.76 -27.19
N THR B 99 2.04 -2.09 -25.91
CA THR B 99 2.47 -3.44 -25.58
C THR B 99 1.45 -4.45 -26.07
N ILE B 100 0.17 -4.21 -25.76
CA ILE B 100 -0.89 -5.08 -26.28
C ILE B 100 -0.75 -5.22 -27.77
N THR B 101 -0.68 -4.09 -28.48
CA THR B 101 -0.52 -4.11 -29.93
C THR B 101 0.66 -4.97 -30.32
N ALA B 102 1.85 -4.64 -29.79
CA ALA B 102 3.03 -5.40 -30.15
C ALA B 102 2.75 -6.88 -29.95
N LEU B 103 2.32 -7.23 -28.74
CA LEU B 103 1.92 -8.58 -28.37
C LEU B 103 1.05 -9.20 -29.45
N SER B 104 -0.10 -8.57 -29.69
CA SER B 104 -1.06 -9.13 -30.62
C SER B 104 -0.42 -9.30 -32.00
N VAL B 105 0.27 -8.25 -32.46
CA VAL B 105 0.94 -8.34 -33.77
C VAL B 105 1.84 -9.56 -33.80
N GLU B 106 2.65 -9.73 -32.75
CA GLU B 106 3.66 -10.76 -32.77
C GLU B 106 3.11 -12.13 -32.39
N ARG B 107 1.84 -12.21 -32.02
CA ARG B 107 1.14 -13.48 -32.03
C ARG B 107 0.48 -13.73 -33.36
N TYR B 108 0.06 -12.65 -34.01
CA TYR B 108 -0.65 -12.76 -35.29
C TYR B 108 0.23 -13.42 -36.35
N PHE B 109 1.37 -12.79 -36.67
CA PHE B 109 2.31 -13.46 -37.56
C PHE B 109 2.75 -14.80 -37.02
N ALA B 110 2.65 -15.04 -35.71
CA ALA B 110 3.07 -16.33 -35.19
C ALA B 110 2.11 -17.44 -35.57
N ILE B 111 0.87 -17.14 -35.93
CA ILE B 111 -0.09 -18.17 -36.30
C ILE B 111 -0.46 -18.11 -37.78
N CYS B 112 -0.88 -16.93 -38.24
CA CYS B 112 -1.34 -16.85 -39.62
C CYS B 112 -0.20 -17.05 -40.61
N PHE B 113 1.03 -16.67 -40.23
CA PHE B 113 2.19 -16.88 -41.09
C PHE B 113 3.21 -17.71 -40.31
N PRO B 114 2.93 -19.00 -40.06
CA PRO B 114 3.89 -19.81 -39.30
C PRO B 114 5.25 -19.90 -39.96
N LEU B 115 5.33 -19.55 -41.25
CA LEU B 115 6.51 -19.88 -42.03
C LEU B 115 7.57 -18.80 -41.85
N ARG B 116 7.14 -17.56 -41.63
CA ARG B 116 8.01 -16.47 -41.26
C ARG B 116 9.04 -16.80 -40.21
N ALA B 117 10.27 -16.36 -40.47
CA ALA B 117 11.33 -16.43 -39.49
C ALA B 117 11.19 -15.26 -38.52
N THR B 122 15.64 -14.71 -31.85
CA THR B 122 16.07 -13.36 -31.49
C THR B 122 15.81 -13.04 -30.02
N LYS B 123 16.85 -12.64 -29.31
CA LYS B 123 16.74 -12.13 -27.96
C LYS B 123 17.36 -10.74 -27.88
N GLY B 124 16.76 -9.87 -27.08
CA GLY B 124 17.00 -8.46 -27.19
C GLY B 124 16.03 -7.76 -28.13
N ARG B 125 15.48 -8.49 -29.11
CA ARG B 125 14.39 -7.96 -29.92
C ARG B 125 13.25 -7.48 -29.02
N VAL B 126 12.91 -8.29 -28.03
CA VAL B 126 11.76 -8.00 -27.19
C VAL B 126 12.08 -6.80 -26.29
N LYS B 127 13.32 -6.74 -25.78
CA LYS B 127 13.75 -5.56 -25.03
C LYS B 127 13.67 -4.30 -25.88
N LEU B 128 14.18 -4.37 -27.10
CA LEU B 128 14.11 -3.23 -28.02
C LEU B 128 12.68 -2.79 -28.25
N VAL B 129 11.77 -3.73 -28.51
CA VAL B 129 10.42 -3.27 -28.77
C VAL B 129 9.83 -2.65 -27.50
N ILE B 130 10.13 -3.21 -26.33
CA ILE B 130 9.62 -2.61 -25.09
C ILE B 130 10.14 -1.19 -24.94
N PHE B 131 11.43 -1.01 -25.19
CA PHE B 131 12.05 0.31 -25.08
C PHE B 131 11.43 1.29 -26.08
N VAL B 132 11.26 0.83 -27.32
CA VAL B 132 10.57 1.62 -28.34
C VAL B 132 9.20 2.03 -27.84
N ILE B 133 8.47 1.08 -27.25
CA ILE B 133 7.12 1.37 -26.76
C ILE B 133 7.18 2.47 -25.71
N TRP B 134 8.09 2.34 -24.75
CA TRP B 134 8.12 3.31 -23.66
C TRP B 134 8.50 4.69 -24.18
N ALA B 135 9.46 4.75 -25.10
CA ALA B 135 9.85 6.05 -25.65
C ALA B 135 8.71 6.68 -26.45
N VAL B 136 8.05 5.89 -27.31
CA VAL B 136 6.93 6.39 -28.09
C VAL B 136 5.81 6.87 -27.18
N ALA B 137 5.53 6.11 -26.11
CA ALA B 137 4.48 6.49 -25.18
C ALA B 137 4.82 7.79 -24.46
N PHE B 138 6.07 7.93 -24.04
CA PHE B 138 6.49 9.18 -23.41
C PHE B 138 6.32 10.35 -24.36
N CYS B 139 6.68 10.16 -25.63
CA CYS B 139 6.55 11.25 -26.57
C CYS B 139 5.08 11.58 -26.84
N SER B 140 4.23 10.56 -26.93
CA SER B 140 2.81 10.77 -27.21
C SER B 140 2.11 11.44 -26.04
N ALA B 141 2.52 11.14 -24.81
CA ALA B 141 1.96 11.79 -23.64
C ALA B 141 2.68 13.08 -23.28
N GLY B 142 3.80 13.38 -23.92
CA GLY B 142 4.55 14.58 -23.64
C GLY B 142 3.69 15.82 -23.57
N PRO B 143 2.98 16.13 -24.67
CA PRO B 143 2.09 17.30 -24.67
C PRO B 143 1.24 17.48 -23.43
N ILE B 144 0.82 16.39 -22.79
CA ILE B 144 0.04 16.51 -21.56
C ILE B 144 0.73 17.43 -20.57
N PHE B 145 2.06 17.34 -20.48
CA PHE B 145 2.80 18.17 -19.56
C PHE B 145 2.50 19.65 -19.75
N VAL B 146 2.13 20.03 -20.97
CA VAL B 146 1.96 21.44 -21.33
C VAL B 146 0.53 21.74 -21.79
N LEU B 147 -0.40 20.81 -21.61
CA LEU B 147 -1.78 21.09 -22.00
C LEU B 147 -2.80 21.02 -20.87
N VAL B 148 -2.49 20.36 -19.76
CA VAL B 148 -3.39 20.29 -18.61
C VAL B 148 -2.79 21.09 -17.48
N GLY B 149 -3.65 21.48 -16.55
CA GLY B 149 -3.18 22.23 -15.40
C GLY B 149 -4.32 22.55 -14.47
N VAL B 150 -4.04 23.46 -13.55
CA VAL B 150 -5.00 23.94 -12.56
C VAL B 150 -5.02 25.47 -12.66
N GLU B 151 -6.12 26.00 -13.19
CA GLU B 151 -6.29 27.45 -13.37
C GLU B 151 -7.45 27.91 -12.49
N HIS B 152 -7.57 29.23 -12.34
CA HIS B 152 -8.66 29.82 -11.56
C HIS B 152 -10.02 29.40 -12.11
N THR B 161 -14.72 21.38 -12.08
CA THR B 161 -14.12 22.67 -11.71
C THR B 161 -12.81 22.55 -10.93
N ASN B 162 -11.89 23.48 -11.22
CA ASN B 162 -10.74 23.81 -10.37
C ASN B 162 -9.79 22.61 -10.25
N GLU B 163 -9.82 21.73 -11.26
CA GLU B 163 -9.30 20.36 -11.22
C GLU B 163 -8.24 20.18 -12.31
N CYS B 164 -7.63 18.99 -12.33
CA CYS B 164 -6.57 18.68 -13.28
C CYS B 164 -7.20 18.36 -14.63
N ARG B 165 -7.54 19.42 -15.35
CA ARG B 165 -8.19 19.29 -16.64
C ARG B 165 -7.37 20.05 -17.68
N PRO B 166 -7.73 19.97 -18.96
CA PRO B 166 -7.02 20.75 -19.99
C PRO B 166 -7.18 22.24 -19.77
N THR B 167 -6.06 22.95 -19.91
CA THR B 167 -6.11 24.38 -19.68
C THR B 167 -6.84 25.06 -20.82
N GLU B 168 -7.07 26.37 -20.65
CA GLU B 168 -7.74 27.08 -21.72
C GLU B 168 -6.81 27.29 -22.91
N PHE B 169 -5.53 27.53 -22.65
CA PHE B 169 -4.56 27.58 -23.74
C PHE B 169 -4.69 26.35 -24.64
N ALA B 170 -4.87 25.19 -24.03
CA ALA B 170 -5.03 23.97 -24.83
C ALA B 170 -6.31 24.02 -25.65
N VAL B 171 -7.37 24.64 -25.12
CA VAL B 171 -8.66 24.60 -25.80
C VAL B 171 -8.68 25.54 -27.00
N ARG B 172 -8.22 26.78 -26.79
CA ARG B 172 -8.35 27.83 -27.78
C ARG B 172 -7.21 27.86 -28.78
N SER B 173 -6.45 26.77 -28.90
CA SER B 173 -5.43 26.66 -29.93
C SER B 173 -5.51 25.33 -30.67
N GLY B 174 -6.55 24.53 -30.42
CA GLY B 174 -6.73 23.26 -31.08
C GLY B 174 -5.91 22.11 -30.52
N LEU B 175 -4.85 22.39 -29.77
CA LEU B 175 -3.99 21.32 -29.26
C LEU B 175 -4.78 20.28 -28.48
N LEU B 176 -5.87 20.70 -27.83
CA LEU B 176 -6.74 19.73 -27.17
C LEU B 176 -7.30 18.73 -28.17
N THR B 177 -7.68 19.19 -29.37
CA THR B 177 -8.28 18.28 -30.33
C THR B 177 -7.26 17.32 -30.93
N VAL B 178 -6.00 17.75 -31.08
CA VAL B 178 -4.99 16.81 -31.56
C VAL B 178 -4.65 15.79 -30.48
N MET B 179 -4.66 16.20 -29.21
CA MET B 179 -4.46 15.22 -28.15
C MET B 179 -5.65 14.26 -28.04
N VAL B 180 -6.87 14.74 -28.31
CA VAL B 180 -8.00 13.83 -28.37
C VAL B 180 -7.87 12.88 -29.55
N TRP B 181 -7.30 13.35 -30.66
CA TRP B 181 -6.98 12.46 -31.76
C TRP B 181 -6.05 11.35 -31.30
N VAL B 182 -4.96 11.72 -30.64
CA VAL B 182 -3.99 10.74 -30.16
C VAL B 182 -4.66 9.76 -29.21
N SER B 183 -5.42 10.28 -28.24
CA SER B 183 -6.10 9.44 -27.28
C SER B 183 -7.06 8.47 -27.97
N SER B 184 -7.75 8.93 -29.01
CA SER B 184 -8.72 8.06 -29.68
C SER B 184 -8.01 7.00 -30.51
N ILE B 185 -6.93 7.37 -31.19
CA ILE B 185 -6.09 6.39 -31.87
C ILE B 185 -5.65 5.30 -30.89
N PHE B 186 -5.13 5.74 -29.74
CA PHE B 186 -4.66 4.77 -28.76
C PHE B 186 -5.80 3.90 -28.26
N PHE B 187 -7.00 4.47 -28.13
CA PHE B 187 -8.14 3.65 -27.70
C PHE B 187 -8.50 2.62 -28.76
N PHE B 188 -8.49 3.01 -30.03
CA PHE B 188 -8.93 2.08 -31.07
C PHE B 188 -7.90 1.00 -31.36
N LEU B 189 -6.64 1.23 -31.00
CA LEU B 189 -5.62 0.20 -31.23
C LEU B 189 -5.99 -1.12 -30.57
N PRO B 190 -6.30 -1.20 -29.26
CA PRO B 190 -6.69 -2.49 -28.68
C PRO B 190 -8.00 -3.02 -29.22
N VAL B 191 -8.94 -2.13 -29.56
CA VAL B 191 -10.16 -2.56 -30.21
C VAL B 191 -9.84 -3.26 -31.52
N PHE B 192 -8.96 -2.66 -32.31
CA PHE B 192 -8.50 -3.33 -33.53
C PHE B 192 -7.86 -4.68 -33.21
N CYS B 193 -7.05 -4.73 -32.14
CA CYS B 193 -6.37 -5.98 -31.80
C CYS B 193 -7.37 -7.08 -31.47
N LEU B 194 -8.37 -6.76 -30.64
CA LEU B 194 -9.35 -7.77 -30.24
C LEU B 194 -10.27 -8.17 -31.39
N THR B 195 -10.69 -7.20 -32.21
CA THR B 195 -11.73 -7.47 -33.19
C THR B 195 -11.16 -8.06 -34.47
N VAL B 196 -10.01 -7.57 -34.91
CA VAL B 196 -9.46 -7.94 -36.21
C VAL B 196 -8.38 -9.02 -36.07
N LEU B 197 -7.36 -8.77 -35.26
CA LEU B 197 -6.27 -9.73 -35.13
C LEU B 197 -6.71 -10.99 -34.40
N TYR B 198 -7.35 -10.85 -33.25
CA TYR B 198 -7.75 -12.03 -32.49
C TYR B 198 -8.78 -12.84 -33.25
N SER B 199 -9.61 -12.19 -34.06
CA SER B 199 -10.58 -12.93 -34.87
C SER B 199 -9.90 -13.72 -35.99
N LEU B 200 -8.86 -13.15 -36.61
CA LEU B 200 -8.10 -13.91 -37.60
C LEU B 200 -7.33 -15.07 -36.97
N ILE B 201 -6.72 -14.83 -35.80
CA ILE B 201 -6.23 -15.92 -34.96
C ILE B 201 -7.26 -17.04 -34.86
N GLY B 202 -8.43 -16.71 -34.29
CA GLY B 202 -9.45 -17.71 -34.06
C GLY B 202 -9.89 -18.42 -35.32
N ARG B 203 -9.96 -17.70 -36.43
CA ARG B 203 -10.21 -18.32 -37.73
C ARG B 203 -9.19 -19.43 -37.99
N LYS B 204 -7.91 -19.08 -38.02
CA LYS B 204 -6.90 -20.08 -38.33
C LYS B 204 -6.92 -21.21 -37.31
N LEU B 205 -7.30 -20.94 -36.07
CA LEU B 205 -7.36 -21.99 -35.06
C LEU B 205 -8.51 -22.94 -35.30
N TRP B 206 -9.64 -22.44 -35.80
CA TRP B 206 -10.81 -23.26 -36.04
C TRP B 206 -11.12 -23.37 -37.52
N ARG B 207 -10.14 -23.80 -38.33
CA ARG B 207 -10.33 -24.01 -39.76
C ARG B 207 -9.95 -25.44 -40.09
N ARG B 208 -10.75 -26.09 -40.96
CA ARG B 208 -10.47 -27.50 -41.33
C ARG B 208 -9.15 -27.77 -42.08
N GLY B 210 -7.00 -31.61 -42.07
CA GLY B 210 -8.20 -31.87 -42.84
C GLY B 210 -9.25 -32.65 -42.08
N GLY B 211 -8.81 -33.69 -41.37
CA GLY B 211 -9.74 -34.48 -40.58
C GLY B 211 -10.33 -33.70 -39.42
N THR B 212 -9.52 -32.90 -38.75
CA THR B 212 -9.96 -32.07 -37.64
C THR B 212 -9.34 -30.69 -37.80
N THR B 213 -9.47 -29.87 -36.76
CA THR B 213 -9.03 -28.48 -36.78
C THR B 213 -7.75 -28.32 -35.97
N MET B 214 -7.17 -27.11 -36.07
CA MET B 214 -5.92 -26.84 -35.37
C MET B 214 -6.14 -26.79 -33.86
N ALA B 215 -7.25 -26.22 -33.42
CA ALA B 215 -7.55 -26.20 -31.99
C ALA B 215 -7.78 -27.62 -31.47
N ASP B 216 -8.61 -28.43 -32.15
CA ASP B 216 -8.76 -29.85 -31.79
C ASP B 216 -7.45 -30.60 -31.71
N LEU B 217 -6.47 -30.29 -32.56
CA LEU B 217 -5.16 -30.88 -32.33
C LEU B 217 -4.71 -30.61 -30.92
N GLU B 218 -4.68 -29.32 -30.56
CA GLU B 218 -4.13 -28.89 -29.28
C GLU B 218 -4.86 -29.56 -28.11
N ASP B 219 -6.20 -29.54 -28.13
CA ASP B 219 -6.99 -30.17 -27.08
C ASP B 219 -6.66 -31.66 -26.95
N ASN B 220 -6.75 -32.38 -28.07
CA ASN B 220 -6.45 -33.81 -28.08
C ASN B 220 -5.05 -34.11 -27.56
N TRP B 221 -4.03 -33.41 -28.10
CA TRP B 221 -2.65 -33.61 -27.68
C TRP B 221 -2.46 -33.41 -26.18
N GLU B 222 -2.94 -32.26 -25.68
CA GLU B 222 -3.10 -31.87 -24.27
C GLU B 222 -3.99 -32.80 -23.46
N THR B 223 -4.96 -33.47 -24.08
CA THR B 223 -5.74 -34.43 -23.31
C THR B 223 -4.94 -35.70 -23.11
N LEU B 224 -4.25 -36.16 -24.14
CA LEU B 224 -3.53 -37.42 -24.05
C LEU B 224 -2.37 -37.32 -23.07
N ASN B 225 -1.59 -36.23 -23.16
CA ASN B 225 -0.43 -36.08 -22.28
C ASN B 225 -0.86 -35.93 -20.82
N ASP B 226 -1.92 -35.18 -20.57
CA ASP B 226 -2.36 -34.96 -19.18
C ASP B 226 -2.76 -36.27 -18.52
N ASN B 227 -3.45 -37.15 -19.25
CA ASN B 227 -3.86 -38.43 -18.70
C ASN B 227 -2.65 -39.29 -18.36
N LEU B 228 -1.70 -39.39 -19.29
CA LEU B 228 -0.51 -40.20 -19.04
C LEU B 228 0.37 -39.60 -17.95
N LYS B 229 0.55 -38.28 -17.97
CA LYS B 229 1.43 -37.64 -16.99
C LYS B 229 0.83 -37.69 -15.59
N VAL B 230 -0.50 -37.59 -15.49
CA VAL B 230 -1.15 -37.70 -14.19
C VAL B 230 -0.91 -39.07 -13.58
N ILE B 231 -1.09 -40.12 -14.38
CA ILE B 231 -0.95 -41.48 -13.87
C ILE B 231 0.50 -41.87 -13.64
N GLU B 232 1.42 -41.35 -14.48
CA GLU B 232 2.82 -41.72 -14.35
C GLU B 232 3.40 -41.27 -13.00
N LYS B 233 2.86 -40.20 -12.42
CA LYS B 233 3.40 -39.64 -11.19
C LYS B 233 2.37 -39.44 -10.09
N ALA B 234 1.11 -39.81 -10.29
CA ALA B 234 0.07 -39.58 -9.31
C ALA B 234 -1.13 -40.47 -9.63
N ASP B 235 -2.08 -40.52 -8.68
CA ASP B 235 -3.36 -41.19 -8.86
C ASP B 235 -3.19 -42.67 -9.22
N ASN B 236 -2.45 -43.39 -8.39
CA ASN B 236 -2.28 -44.82 -8.59
C ASN B 236 -3.56 -45.56 -8.26
N ALA B 237 -3.91 -46.52 -9.12
CA ALA B 237 -5.12 -47.30 -8.93
C ALA B 237 -4.94 -48.67 -9.59
N ALA B 238 -5.94 -49.54 -9.38
CA ALA B 238 -5.89 -50.88 -9.97
C ALA B 238 -6.01 -50.81 -11.48
N GLN B 239 -6.96 -50.02 -11.98
CA GLN B 239 -7.24 -49.93 -13.41
C GLN B 239 -7.17 -48.48 -13.86
N VAL B 240 -6.16 -48.15 -14.67
CA VAL B 240 -6.07 -46.88 -15.36
C VAL B 240 -6.23 -47.07 -16.86
N LYS B 241 -6.85 -48.19 -17.27
CA LYS B 241 -7.04 -48.48 -18.69
C LYS B 241 -7.87 -47.41 -19.37
N ASP B 242 -8.81 -46.79 -18.64
CA ASP B 242 -9.60 -45.71 -19.23
C ASP B 242 -8.72 -44.56 -19.69
N ALA B 243 -7.71 -44.21 -18.89
CA ALA B 243 -6.73 -43.20 -19.34
C ALA B 243 -5.99 -43.69 -20.57
N LEU B 244 -5.66 -44.97 -20.62
CA LEU B 244 -5.01 -45.55 -21.79
C LEU B 244 -5.95 -45.52 -22.99
N THR B 245 -7.25 -45.74 -22.76
CA THR B 245 -8.23 -45.66 -23.83
C THR B 245 -8.33 -44.22 -24.35
N LYS B 246 -8.38 -43.25 -23.45
CA LYS B 246 -8.43 -41.85 -23.86
C LYS B 246 -7.19 -41.47 -24.66
N MET B 247 -6.02 -41.94 -24.21
CA MET B 247 -4.78 -41.65 -24.94
C MET B 247 -4.85 -42.20 -26.36
N ARG B 248 -5.33 -43.43 -26.52
CA ARG B 248 -5.44 -44.02 -27.85
C ARG B 248 -6.41 -43.22 -28.72
N ALA B 249 -7.57 -42.87 -28.17
CA ALA B 249 -8.55 -42.11 -28.94
C ALA B 249 -8.00 -40.73 -29.31
N ALA B 250 -7.39 -40.04 -28.34
CA ALA B 250 -6.80 -38.73 -28.64
C ALA B 250 -5.67 -38.85 -29.65
N ALA B 251 -4.79 -39.85 -29.46
CA ALA B 251 -3.73 -40.08 -30.43
C ALA B 251 -4.31 -40.40 -31.80
N LEU B 252 -5.43 -41.14 -31.84
CA LEU B 252 -6.08 -41.44 -33.10
C LEU B 252 -6.52 -40.17 -33.80
N ASP B 253 -7.23 -39.30 -33.09
CA ASP B 253 -7.67 -38.04 -33.68
C ASP B 253 -6.48 -37.15 -34.01
N ALA B 254 -5.44 -37.17 -33.16
CA ALA B 254 -4.28 -36.32 -33.38
C ALA B 254 -3.61 -36.57 -34.72
N GLN B 255 -3.81 -37.75 -35.32
CA GLN B 255 -3.29 -38.00 -36.66
C GLN B 255 -4.10 -37.27 -37.73
N LYS B 256 -5.39 -37.08 -37.51
CA LYS B 256 -6.25 -36.44 -38.50
C LYS B 256 -5.94 -34.96 -38.71
N ALA B 257 -5.07 -34.37 -37.90
CA ALA B 257 -4.76 -32.95 -37.99
C ALA B 257 -3.46 -32.73 -38.78
N THR B 258 -3.16 -31.45 -39.03
CA THR B 258 -2.03 -31.07 -39.87
C THR B 258 -1.10 -30.15 -39.09
N PRO B 259 0.04 -30.65 -38.63
CA PRO B 259 0.99 -29.83 -37.84
C PRO B 259 1.41 -28.58 -38.59
N PRO B 260 2.03 -27.59 -37.91
CA PRO B 260 2.23 -26.29 -38.57
C PRO B 260 3.38 -26.27 -39.56
N LYS B 261 4.41 -27.10 -39.37
CA LYS B 261 5.55 -27.11 -40.29
C LYS B 261 5.17 -27.66 -41.66
N LEU B 262 4.14 -28.50 -41.73
CA LEU B 262 3.67 -29.00 -43.02
C LEU B 262 3.05 -27.88 -43.87
N GLU B 263 2.49 -26.86 -43.21
CA GLU B 263 1.80 -25.74 -43.83
C GLU B 263 0.56 -26.17 -44.60
N ASP B 264 0.06 -27.38 -44.35
CA ASP B 264 -1.14 -27.92 -45.01
C ASP B 264 -1.05 -27.80 -46.53
N LYS B 265 0.16 -27.84 -47.07
CA LYS B 265 0.39 -27.88 -48.51
C LYS B 265 0.94 -29.22 -48.96
N SER B 266 1.03 -30.20 -48.07
CA SER B 266 1.66 -31.50 -48.33
C SER B 266 0.64 -32.62 -48.21
N PRO B 267 0.02 -33.03 -49.32
CA PRO B 267 -0.96 -34.13 -49.23
C PRO B 267 -0.40 -35.45 -48.73
N ASP B 268 0.88 -35.76 -48.98
CA ASP B 268 1.37 -37.10 -48.63
C ASP B 268 2.85 -37.21 -48.29
N SER B 269 3.62 -36.13 -48.42
CA SER B 269 5.05 -36.34 -48.21
C SER B 269 5.41 -36.40 -46.72
N PRO B 270 4.94 -35.47 -45.85
CA PRO B 270 4.94 -35.79 -44.41
C PRO B 270 3.59 -36.28 -43.88
N GLU B 271 2.53 -36.14 -44.67
CA GLU B 271 1.24 -36.71 -44.26
C GLU B 271 1.34 -38.22 -44.12
N MET B 272 2.21 -38.85 -44.91
CA MET B 272 2.52 -40.26 -44.72
C MET B 272 3.59 -40.45 -43.65
N LYS B 273 4.56 -39.54 -43.57
CA LYS B 273 5.65 -39.67 -42.61
C LYS B 273 5.16 -39.48 -41.18
N ASP B 274 4.54 -38.32 -40.90
CA ASP B 274 4.14 -38.01 -39.54
C ASP B 274 2.99 -38.89 -39.06
N PHE B 275 2.02 -39.18 -39.93
CA PHE B 275 0.90 -40.03 -39.55
C PHE B 275 1.39 -41.44 -39.19
N ARG B 276 2.31 -41.99 -39.99
CA ARG B 276 2.80 -43.34 -39.73
C ARG B 276 3.66 -43.39 -38.47
N HIS B 277 4.60 -42.44 -38.33
CA HIS B 277 5.55 -42.50 -37.22
C HIS B 277 4.85 -42.30 -35.87
N GLY B 278 4.02 -41.26 -35.77
CA GLY B 278 3.32 -41.01 -34.52
C GLY B 278 2.31 -42.08 -34.20
N PHE B 279 1.49 -42.47 -35.19
CA PHE B 279 0.48 -43.50 -34.94
C PHE B 279 1.13 -44.83 -34.58
N ASP B 280 2.27 -45.16 -35.19
CA ASP B 280 2.95 -46.41 -34.87
C ASP B 280 3.40 -46.43 -33.42
N ILE B 281 4.05 -45.36 -32.96
CA ILE B 281 4.51 -45.30 -31.57
C ILE B 281 3.32 -45.37 -30.62
N LEU B 282 2.26 -44.63 -30.94
CA LEU B 282 1.05 -44.67 -30.10
C LEU B 282 0.42 -46.06 -30.12
N VAL B 283 0.31 -46.66 -31.31
CA VAL B 283 -0.37 -47.94 -31.49
C VAL B 283 0.27 -49.02 -30.64
N GLY B 284 1.51 -49.39 -30.97
CA GLY B 284 2.15 -50.50 -30.29
C GLY B 284 2.25 -50.32 -28.79
N GLN B 285 2.57 -49.10 -28.35
CA GLN B 285 2.66 -48.83 -26.91
C GLN B 285 1.30 -48.98 -26.25
N ILE B 286 0.23 -48.54 -26.93
CA ILE B 286 -1.11 -48.62 -26.35
C ILE B 286 -1.56 -50.07 -26.23
N ASP B 287 -1.25 -50.89 -27.24
CA ASP B 287 -1.63 -52.30 -27.19
C ASP B 287 -0.93 -53.01 -26.04
N ASP B 288 0.38 -52.76 -25.88
CA ASP B 288 1.12 -53.35 -24.77
C ASP B 288 0.61 -52.82 -23.43
N ALA B 289 0.27 -51.53 -23.38
CA ALA B 289 -0.26 -50.95 -22.15
C ALA B 289 -1.62 -51.56 -21.80
N LEU B 290 -2.44 -51.82 -22.81
CA LEU B 290 -3.76 -52.43 -22.56
C LEU B 290 -3.61 -53.82 -21.97
N LYS B 291 -2.64 -54.60 -22.45
CA LYS B 291 -2.44 -55.95 -21.94
C LYS B 291 -1.98 -55.92 -20.48
N LEU B 292 -1.01 -55.06 -20.16
CA LEU B 292 -0.59 -54.91 -18.78
C LEU B 292 -1.67 -54.29 -17.90
N ALA B 293 -2.64 -53.60 -18.50
CA ALA B 293 -3.73 -53.01 -17.74
C ALA B 293 -4.73 -54.08 -17.30
N ASN B 294 -5.03 -55.05 -18.18
CA ASN B 294 -5.86 -56.17 -17.77
C ASN B 294 -5.19 -57.00 -16.69
N GLU B 295 -3.88 -57.21 -16.82
CA GLU B 295 -3.13 -57.99 -15.84
C GLU B 295 -2.51 -57.10 -14.77
N GLU B 300 3.99 -53.58 -14.69
CA GLU B 300 4.85 -53.15 -15.77
C GLU B 300 4.13 -52.15 -16.66
N ALA B 301 2.83 -52.01 -16.43
CA ALA B 301 2.04 -51.07 -17.21
C ALA B 301 2.59 -49.65 -17.08
N GLN B 302 2.94 -49.23 -15.86
CA GLN B 302 3.46 -47.88 -15.66
C GLN B 302 4.78 -47.68 -16.39
N ALA B 303 5.61 -48.71 -16.46
CA ALA B 303 6.88 -48.59 -17.17
C ALA B 303 6.66 -48.46 -18.67
N ALA B 304 5.66 -49.17 -19.21
CA ALA B 304 5.34 -49.04 -20.63
C ALA B 304 4.87 -47.64 -20.94
N ALA B 305 4.10 -47.02 -20.04
CA ALA B 305 3.68 -45.65 -20.23
C ALA B 305 4.87 -44.69 -20.22
N GLU B 306 5.83 -44.94 -19.32
CA GLU B 306 7.04 -44.13 -19.31
C GLU B 306 7.80 -44.25 -20.62
N GLN B 307 7.88 -45.47 -21.16
CA GLN B 307 8.57 -45.67 -22.44
C GLN B 307 7.81 -45.00 -23.58
N LEU B 308 6.47 -45.02 -23.51
CA LEU B 308 5.69 -44.34 -24.54
C LEU B 308 5.92 -42.84 -24.52
N LYS B 309 6.15 -42.28 -23.32
CA LYS B 309 6.31 -40.84 -23.20
C LYS B 309 7.54 -40.34 -23.96
N THR B 310 8.67 -41.04 -23.79
CA THR B 310 9.91 -40.59 -24.40
C THR B 310 9.79 -40.46 -25.92
N THR B 311 9.09 -41.41 -26.55
CA THR B 311 8.90 -41.34 -28.00
C THR B 311 8.09 -40.10 -28.39
N ARG B 312 7.11 -39.73 -27.55
CA ARG B 312 6.33 -38.53 -27.82
C ARG B 312 7.23 -37.29 -27.80
N ASN B 313 7.97 -37.10 -26.71
CA ASN B 313 8.93 -35.99 -26.66
C ASN B 313 9.94 -36.09 -27.80
N ALA B 314 10.35 -37.31 -28.15
CA ALA B 314 11.28 -37.50 -29.26
C ALA B 314 10.64 -37.19 -30.60
N TYR B 315 9.31 -37.09 -30.67
CA TYR B 315 8.61 -36.77 -31.90
C TYR B 315 7.81 -35.48 -31.83
N ILE B 316 7.20 -35.17 -30.68
CA ILE B 316 6.40 -33.96 -30.56
C ILE B 316 7.28 -32.71 -30.62
N GLN B 317 8.40 -32.72 -29.89
CA GLN B 317 9.33 -31.60 -29.98
C GLN B 317 9.94 -31.49 -31.36
N LYS B 318 10.08 -32.62 -32.08
CA LYS B 318 10.74 -32.61 -33.38
C LYS B 318 9.91 -31.89 -34.44
N TYR B 319 8.58 -31.88 -34.29
CA TYR B 319 7.71 -31.28 -35.30
C TYR B 319 6.62 -30.41 -34.66
N LEU B 320 6.91 -29.79 -33.52
CA LEU B 320 5.97 -28.89 -32.87
C LEU B 320 6.66 -28.03 -31.81
N ASP B 323 5.35 -23.89 -29.67
CA ASP B 323 4.15 -23.68 -28.88
C ASP B 323 3.10 -24.76 -29.14
N GLN B 324 2.38 -25.14 -28.08
CA GLN B 324 1.12 -25.83 -28.21
C GLN B 324 0.01 -25.16 -27.40
N ASN B 325 0.31 -24.04 -26.73
CA ASN B 325 -0.64 -23.29 -25.93
C ASN B 325 -1.40 -22.24 -26.74
N HIS B 326 -1.58 -22.46 -28.03
CA HIS B 326 -2.09 -21.40 -28.88
C HIS B 326 -3.53 -21.03 -28.54
N LYS B 327 -4.31 -21.98 -28.05
CA LYS B 327 -5.71 -21.68 -27.80
C LYS B 327 -5.93 -20.99 -26.46
N GLN B 328 -5.29 -21.45 -25.38
CA GLN B 328 -5.61 -20.80 -24.11
C GLN B 328 -5.00 -19.41 -24.13
N THR B 329 -3.85 -19.26 -24.81
CA THR B 329 -3.21 -17.96 -24.93
C THR B 329 -4.14 -16.95 -25.58
N VAL B 330 -4.61 -17.26 -26.79
CA VAL B 330 -5.51 -16.33 -27.48
C VAL B 330 -6.76 -16.08 -26.65
N LYS B 331 -7.30 -17.10 -25.99
CA LYS B 331 -8.58 -16.85 -25.34
C LYS B 331 -8.40 -15.93 -24.13
N MET B 332 -7.28 -16.10 -23.43
CA MET B 332 -7.00 -15.27 -22.27
C MET B 332 -6.64 -13.86 -22.69
N LEU B 333 -5.85 -13.72 -23.76
CA LEU B 333 -5.56 -12.38 -24.26
C LEU B 333 -6.83 -11.67 -24.66
N ALA B 334 -7.78 -12.41 -25.24
CA ALA B 334 -9.05 -11.80 -25.59
C ALA B 334 -9.74 -11.26 -24.35
N VAL B 335 -9.85 -12.06 -23.30
CA VAL B 335 -10.48 -11.55 -22.09
C VAL B 335 -9.73 -10.33 -21.56
N VAL B 336 -8.40 -10.36 -21.62
CA VAL B 336 -7.59 -9.26 -21.10
C VAL B 336 -7.87 -7.97 -21.85
N VAL B 337 -7.75 -8.01 -23.17
CA VAL B 337 -7.99 -6.83 -24.00
C VAL B 337 -9.42 -6.35 -23.87
N PHE B 338 -10.36 -7.29 -23.72
CA PHE B 338 -11.75 -6.90 -23.52
C PHE B 338 -11.91 -6.08 -22.25
N ALA B 339 -11.35 -6.57 -21.14
CA ALA B 339 -11.46 -5.84 -19.87
C ALA B 339 -10.81 -4.46 -19.96
N PHE B 340 -9.64 -4.39 -20.60
CA PHE B 340 -8.99 -3.10 -20.83
C PHE B 340 -9.93 -2.12 -21.53
N ILE B 341 -10.51 -2.54 -22.66
CA ILE B 341 -11.35 -1.63 -23.42
C ILE B 341 -12.60 -1.26 -22.62
N LEU B 342 -13.18 -2.23 -21.90
CA LEU B 342 -14.35 -1.92 -21.08
C LEU B 342 -14.03 -0.84 -20.06
N CYS B 343 -13.01 -1.07 -19.23
CA CYS B 343 -12.66 -0.08 -18.21
C CYS B 343 -12.36 1.29 -18.82
N TRP B 344 -11.82 1.32 -20.04
CA TRP B 344 -11.46 2.61 -20.61
C TRP B 344 -12.58 3.25 -21.41
N LEU B 345 -13.68 2.52 -21.64
CA LEU B 345 -14.75 3.05 -22.49
C LEU B 345 -15.50 4.22 -21.85
N PRO B 346 -16.04 4.12 -20.62
CA PRO B 346 -16.80 5.27 -20.08
C PRO B 346 -16.05 6.59 -20.17
N PHE B 347 -14.73 6.62 -19.97
CA PHE B 347 -13.99 7.87 -20.10
C PHE B 347 -14.22 8.50 -21.47
N HIS B 348 -13.93 7.74 -22.53
CA HIS B 348 -14.04 8.26 -23.89
C HIS B 348 -15.48 8.61 -24.25
N VAL B 349 -16.41 7.71 -23.93
CA VAL B 349 -17.83 7.93 -24.26
C VAL B 349 -18.34 9.18 -23.55
N GLY B 350 -18.15 9.25 -22.23
CA GLY B 350 -18.53 10.43 -21.49
C GLY B 350 -17.89 11.68 -22.04
N ARG B 351 -16.60 11.61 -22.39
CA ARG B 351 -15.94 12.80 -22.91
C ARG B 351 -16.60 13.30 -24.18
N TYR B 352 -16.91 12.39 -25.12
CA TYR B 352 -17.54 12.81 -26.36
C TYR B 352 -18.94 13.35 -26.13
N LEU B 353 -19.74 12.64 -25.34
CA LEU B 353 -21.13 13.05 -25.15
C LEU B 353 -21.22 14.37 -24.40
N PHE B 354 -20.29 14.64 -23.46
CA PHE B 354 -20.31 15.92 -22.76
C PHE B 354 -19.62 17.03 -23.56
N SER B 355 -18.72 16.68 -24.48
CA SER B 355 -18.19 17.70 -25.37
C SER B 355 -19.26 18.19 -26.33
N LYS B 356 -20.16 17.31 -26.74
CA LYS B 356 -21.22 17.72 -27.66
C LYS B 356 -22.16 18.76 -27.05
N SER B 357 -22.38 18.71 -25.74
CA SER B 357 -23.18 19.73 -25.04
C SER B 357 -22.33 20.37 -23.95
N PHE B 358 -21.79 21.56 -24.23
CA PHE B 358 -20.87 22.23 -23.28
C PHE B 358 -21.63 23.14 -22.33
N GLU B 359 -22.21 24.22 -22.86
CA GLU B 359 -22.93 25.19 -22.04
C GLU B 359 -24.37 24.77 -21.72
N PRO B 360 -25.12 24.18 -22.66
CA PRO B 360 -26.53 23.82 -22.36
C PRO B 360 -26.69 22.97 -21.09
N GLY B 361 -27.64 23.37 -20.25
CA GLY B 361 -28.10 22.58 -19.11
C GLY B 361 -27.05 22.25 -18.07
N SER B 362 -26.21 23.22 -17.72
CA SER B 362 -24.98 22.97 -16.96
C SER B 362 -25.20 22.50 -15.53
N LEU B 363 -26.43 22.15 -15.16
CA LEU B 363 -26.73 21.80 -13.77
C LEU B 363 -26.71 20.29 -13.55
N GLU B 364 -27.65 19.56 -14.16
CA GLU B 364 -27.67 18.12 -13.95
C GLU B 364 -26.57 17.43 -14.73
N ILE B 365 -26.25 17.92 -15.93
CA ILE B 365 -25.19 17.30 -16.72
C ILE B 365 -23.86 17.37 -15.98
N ALA B 366 -23.67 18.39 -15.14
CA ALA B 366 -22.46 18.44 -14.32
C ALA B 366 -22.44 17.31 -13.30
N GLN B 367 -23.57 17.05 -12.66
CA GLN B 367 -23.69 15.91 -11.76
C GLN B 367 -23.35 14.60 -12.48
N ILE B 368 -23.94 14.42 -13.67
CA ILE B 368 -23.68 13.20 -14.45
C ILE B 368 -22.20 13.10 -14.77
N SER B 369 -21.57 14.22 -15.11
CA SER B 369 -20.16 14.21 -15.49
C SER B 369 -19.28 13.81 -14.32
N GLN B 370 -19.49 14.42 -13.15
CA GLN B 370 -18.74 13.99 -11.96
C GLN B 370 -18.92 12.52 -11.66
N TYR B 371 -20.14 12.00 -11.78
CA TYR B 371 -20.29 10.57 -11.50
C TYR B 371 -19.56 9.73 -12.56
N CYS B 372 -19.60 10.18 -13.82
CA CYS B 372 -18.88 9.46 -14.87
C CYS B 372 -17.39 9.46 -14.58
N ASN B 373 -16.85 10.59 -14.13
CA ASN B 373 -15.43 10.67 -13.81
C ASN B 373 -15.08 9.78 -12.64
N LEU B 374 -16.00 9.63 -11.68
CA LEU B 374 -15.73 8.76 -10.55
C LEU B 374 -15.68 7.30 -10.98
N VAL B 375 -16.58 6.89 -11.87
CA VAL B 375 -16.55 5.51 -12.31
C VAL B 375 -15.33 5.27 -13.18
N SER B 376 -14.92 6.26 -13.97
CA SER B 376 -13.70 6.14 -14.74
C SER B 376 -12.49 5.98 -13.81
N PHE B 377 -12.49 6.71 -12.69
CA PHE B 377 -11.45 6.60 -11.68
C PHE B 377 -11.31 5.16 -11.17
N VAL B 378 -12.42 4.64 -10.62
CA VAL B 378 -12.41 3.29 -10.07
C VAL B 378 -12.06 2.26 -11.14
N LEU B 379 -12.57 2.46 -12.36
CA LEU B 379 -12.23 1.55 -13.45
C LEU B 379 -10.75 1.62 -13.80
N PHE B 380 -10.16 2.81 -13.71
CA PHE B 380 -8.74 2.96 -14.03
C PHE B 380 -7.91 2.07 -13.11
N TYR B 381 -8.18 2.17 -11.82
CA TYR B 381 -7.36 1.35 -10.92
C TYR B 381 -7.76 -0.13 -10.97
N LEU B 382 -9.01 -0.41 -11.31
CA LEU B 382 -9.41 -1.80 -11.50
C LEU B 382 -8.67 -2.43 -12.68
N SER B 383 -8.55 -1.69 -13.79
CA SER B 383 -7.79 -2.19 -14.92
C SER B 383 -6.35 -2.44 -14.52
N ALA B 384 -5.79 -1.58 -13.67
CA ALA B 384 -4.42 -1.82 -13.23
C ALA B 384 -4.31 -3.08 -12.39
N ALA B 385 -5.38 -3.47 -11.69
CA ALA B 385 -5.30 -4.63 -10.79
C ALA B 385 -5.74 -5.95 -11.41
N ILE B 386 -6.47 -5.93 -12.53
CA ILE B 386 -7.29 -7.09 -12.88
C ILE B 386 -6.51 -8.20 -13.59
N ASN B 387 -5.47 -7.88 -14.35
CA ASN B 387 -4.84 -8.91 -15.19
C ASN B 387 -4.34 -10.12 -14.39
N PRO B 388 -3.64 -9.96 -13.25
CA PRO B 388 -3.20 -11.16 -12.52
C PRO B 388 -4.35 -12.02 -12.02
N ILE B 389 -5.47 -11.41 -11.66
CA ILE B 389 -6.67 -12.18 -11.32
C ILE B 389 -7.07 -13.06 -12.50
N LEU B 390 -7.18 -12.46 -13.69
CA LEU B 390 -7.50 -13.24 -14.89
C LEU B 390 -6.51 -14.38 -15.07
N TYR B 391 -5.21 -14.09 -14.99
CA TYR B 391 -4.20 -15.13 -15.16
C TYR B 391 -4.42 -16.26 -14.17
N ASN B 392 -4.73 -15.91 -12.92
CA ASN B 392 -4.93 -16.95 -11.91
C ASN B 392 -6.15 -17.80 -12.22
N ILE B 393 -7.19 -17.18 -12.78
CA ILE B 393 -8.41 -17.95 -13.04
C ILE B 393 -8.25 -18.82 -14.29
N MET B 394 -7.53 -18.33 -15.30
CA MET B 394 -7.49 -18.97 -16.61
C MET B 394 -6.23 -19.81 -16.87
N SER B 395 -5.05 -19.32 -16.52
CA SER B 395 -3.81 -20.07 -16.77
C SER B 395 -3.53 -21.02 -15.61
N LYS B 396 -3.47 -22.32 -15.91
CA LYS B 396 -3.04 -23.27 -14.88
C LYS B 396 -1.54 -23.15 -14.64
N LYS B 397 -0.79 -22.90 -15.70
CA LYS B 397 0.67 -22.74 -15.61
C LYS B 397 1.03 -21.62 -14.66
N TYR B 398 0.29 -20.51 -14.76
CA TYR B 398 0.49 -19.39 -13.84
C TYR B 398 0.26 -19.83 -12.40
N ARG B 399 -0.84 -20.53 -12.14
CA ARG B 399 -1.11 -21.03 -10.80
C ARG B 399 0.05 -21.88 -10.28
N VAL B 400 0.53 -22.83 -11.09
CA VAL B 400 1.56 -23.71 -10.57
C VAL B 400 2.83 -22.92 -10.32
N ALA B 401 3.09 -21.90 -11.15
CA ALA B 401 4.32 -21.15 -11.00
C ALA B 401 4.30 -20.26 -9.76
N VAL B 402 3.13 -19.72 -9.41
CA VAL B 402 3.06 -19.01 -8.14
C VAL B 402 3.17 -20.00 -6.98
N PHE B 403 2.70 -21.24 -7.18
CA PHE B 403 2.88 -22.25 -6.14
C PHE B 403 4.35 -22.60 -5.96
N ARG B 404 5.07 -22.77 -7.06
CA ARG B 404 6.46 -23.21 -7.03
C ARG B 404 7.45 -22.05 -6.97
N LEU B 405 6.99 -20.83 -6.69
CA LEU B 405 7.84 -19.65 -6.91
C LEU B 405 9.05 -19.62 -5.96
N LEU B 406 8.86 -20.02 -4.71
CA LEU B 406 9.92 -19.85 -3.71
C LEU B 406 10.60 -21.17 -3.34
N GLY B 407 10.69 -22.10 -4.29
CA GLY B 407 11.10 -23.46 -4.02
C GLY B 407 12.46 -23.82 -4.62
N PHE B 408 12.69 -25.14 -4.71
CA PHE B 408 13.98 -25.73 -5.10
C PHE B 408 15.08 -25.40 -4.08
#